data_1RFZ
#
_entry.id   1RFZ
#
_cell.length_a   80.824
_cell.length_b   80.824
_cell.length_c   236.904
_cell.angle_alpha   90.00
_cell.angle_beta   90.00
_cell.angle_gamma   90.00
#
_symmetry.space_group_name_H-M   'P 41 21 2'
#
loop_
_entity.id
_entity.type
_entity.pdbx_description
1 polymer 'Hypothetical protein APC35681'
2 non-polymer 'SULFATE ION'
3 water water
#
_entity_poly.entity_id   1
_entity_poly.type   'polypeptide(L)'
_entity_poly.pdbx_seq_one_letter_code
;SNA(MSE)SEFI(MSE)NNLEQTARRWLEERGVTVEKIAELVYYLQSKYHPDLT(MSE)EECIENVNRVISKREVQNAIL
TGIQLDKLAEDGRLDEPLQSIIRRDEGLYGVDEILALSIVNVYGSIGFTNYGYIDKQKPGILQYLNDKSTGKCNTFLDDI
VGAIAAAASSRLAHRAANAE
;
_entity_poly.pdbx_strand_id   A,B,C,D
#
loop_
_chem_comp.id
_chem_comp.type
_chem_comp.name
_chem_comp.formula
SO4 non-polymer 'SULFATE ION' 'O4 S -2'
#
# COMPACT_ATOMS: atom_id res chain seq x y z
N SER A 1 -31.27 2.53 -9.52
CA SER A 1 -30.56 1.83 -8.41
C SER A 1 -29.37 1.00 -8.92
N ASN A 2 -29.65 -0.22 -9.39
CA ASN A 2 -28.57 -1.06 -9.91
C ASN A 2 -28.00 -0.43 -11.18
N ALA A 3 -28.90 0.14 -11.98
CA ALA A 3 -28.51 0.80 -13.23
C ALA A 3 -28.15 2.26 -12.95
N MSE A 4 -28.71 2.84 -11.88
CA MSE A 4 -28.40 4.20 -11.48
C MSE A 4 -26.97 4.17 -10.93
O MSE A 4 -26.20 5.15 -10.99
CB MSE A 4 -29.37 4.69 -10.41
CG MSE A 4 -29.11 6.12 -9.97
SE MSE A 4 -29.13 7.38 -11.45
CE MSE A 4 -30.91 8.10 -11.23
N SER A 5 -26.63 3.01 -10.38
CA SER A 5 -25.31 2.78 -9.80
C SER A 5 -24.31 2.92 -10.95
N GLU A 6 -24.51 2.11 -11.99
CA GLU A 6 -23.66 2.10 -13.16
C GLU A 6 -23.58 3.47 -13.82
N PHE A 7 -24.71 4.17 -13.94
CA PHE A 7 -24.69 5.49 -14.57
C PHE A 7 -23.81 6.46 -13.77
N ILE A 8 -23.99 6.48 -12.46
CA ILE A 8 -23.21 7.35 -11.61
C ILE A 8 -21.71 7.05 -11.67
N MSE A 9 -21.34 5.79 -11.50
CA MSE A 9 -19.94 5.40 -11.51
C MSE A 9 -19.23 5.49 -12.85
O MSE A 9 -18.00 5.51 -12.89
CB MSE A 9 -19.77 3.99 -10.93
CG MSE A 9 -19.98 3.90 -9.42
SE MSE A 9 -19.06 5.29 -8.38
CE MSE A 9 -20.55 6.44 -7.99
N ASN A 10 -19.98 5.56 -13.94
CA ASN A 10 -19.39 5.68 -15.26
C ASN A 10 -19.40 7.11 -15.77
N ASN A 11 -19.77 8.07 -14.91
CA ASN A 11 -19.82 9.45 -15.35
C ASN A 11 -19.16 10.46 -14.43
N LEU A 12 -18.00 10.05 -13.90
CA LEU A 12 -17.23 10.86 -12.98
C LEU A 12 -16.08 11.62 -13.64
N GLU A 13 -15.59 11.16 -14.78
CA GLU A 13 -14.47 11.82 -15.43
C GLU A 13 -14.69 13.30 -15.74
N GLN A 14 -15.77 13.65 -16.41
CA GLN A 14 -16.01 15.05 -16.73
C GLN A 14 -16.02 15.96 -15.50
N THR A 15 -16.79 15.56 -14.50
CA THR A 15 -16.90 16.34 -13.26
C THR A 15 -15.56 16.47 -12.55
N ALA A 16 -14.77 15.41 -12.56
CA ALA A 16 -13.48 15.42 -11.92
C ALA A 16 -12.54 16.38 -12.66
N ARG A 17 -12.73 16.49 -13.97
CA ARG A 17 -11.92 17.41 -14.78
C ARG A 17 -12.30 18.85 -14.49
N ARG A 18 -13.60 19.11 -14.40
CA ARG A 18 -14.07 20.46 -14.14
C ARG A 18 -13.54 20.96 -12.79
N TRP A 19 -13.80 20.20 -11.72
CA TRP A 19 -13.33 20.57 -10.39
C TRP A 19 -11.85 20.95 -10.44
N LEU A 20 -11.04 20.12 -11.09
CA LEU A 20 -9.60 20.39 -11.20
C LEU A 20 -9.35 21.78 -11.77
N GLU A 21 -10.10 22.11 -12.82
CA GLU A 21 -10.01 23.41 -13.48
C GLU A 21 -10.48 24.48 -12.51
N GLU A 22 -11.51 24.15 -11.73
CA GLU A 22 -12.11 25.05 -10.74
C GLU A 22 -11.27 25.28 -9.49
N ARG A 23 -10.16 24.54 -9.36
CA ARG A 23 -9.26 24.69 -8.22
C ARG A 23 -7.92 25.24 -8.75
N GLY A 24 -7.87 25.45 -10.06
CA GLY A 24 -6.67 26.00 -10.68
C GLY A 24 -5.83 25.03 -11.49
N VAL A 25 -6.14 23.74 -11.40
CA VAL A 25 -5.33 22.76 -12.11
C VAL A 25 -5.79 22.39 -13.53
N THR A 26 -4.84 22.46 -14.45
CA THR A 26 -5.04 22.17 -15.85
C THR A 26 -4.34 20.88 -16.21
N VAL A 27 -5.03 20.02 -16.95
CA VAL A 27 -4.40 18.76 -17.39
C VAL A 27 -3.01 19.06 -17.92
N GLU A 28 -2.85 20.22 -18.54
CA GLU A 28 -1.58 20.66 -19.12
C GLU A 28 -0.48 20.98 -18.12
N LYS A 29 -0.83 21.65 -17.03
CA LYS A 29 0.18 22.00 -16.03
C LYS A 29 0.63 20.75 -15.29
N ILE A 30 -0.24 19.73 -15.28
CA ILE A 30 0.07 18.44 -14.67
C ILE A 30 1.04 17.78 -15.64
N ALA A 31 0.68 17.80 -16.93
CA ALA A 31 1.54 17.23 -17.95
C ALA A 31 2.85 17.99 -17.92
N GLU A 32 2.80 19.22 -17.44
CA GLU A 32 4.02 20.02 -17.36
C GLU A 32 4.92 19.35 -16.33
N LEU A 33 4.30 18.77 -15.30
CA LEU A 33 5.02 18.07 -14.26
C LEU A 33 5.60 16.77 -14.79
N VAL A 34 4.89 16.16 -15.75
CA VAL A 34 5.33 14.91 -16.35
C VAL A 34 6.58 15.12 -17.20
N TYR A 35 6.66 16.24 -17.91
CA TYR A 35 7.85 16.52 -18.72
C TYR A 35 9.04 16.71 -17.76
N TYR A 36 8.79 17.37 -16.63
CA TYR A 36 9.81 17.60 -15.61
C TYR A 36 10.42 16.30 -15.11
N LEU A 37 9.60 15.26 -14.97
CA LEU A 37 10.06 13.97 -14.48
C LEU A 37 10.62 13.07 -15.58
N GLN A 38 9.94 13.03 -16.73
CA GLN A 38 10.37 12.15 -17.82
C GLN A 38 11.26 12.78 -18.89
N SER A 39 11.45 14.10 -18.82
CA SER A 39 12.27 14.79 -19.81
C SER A 39 13.67 14.17 -19.86
N LYS A 40 14.42 14.29 -18.78
CA LYS A 40 15.77 13.76 -18.71
C LYS A 40 15.92 12.43 -19.46
N TYR A 41 15.06 11.47 -19.14
CA TYR A 41 15.13 10.15 -19.75
C TYR A 41 14.55 10.09 -21.15
N HIS A 42 14.00 11.21 -21.60
CA HIS A 42 13.39 11.28 -22.92
C HIS A 42 13.54 12.65 -23.55
N PRO A 43 14.61 12.84 -24.33
CA PRO A 43 14.84 14.11 -24.99
C PRO A 43 13.70 14.36 -25.97
N ASP A 44 13.48 13.37 -26.82
CA ASP A 44 12.43 13.38 -27.84
C ASP A 44 11.02 13.54 -27.26
N LEU A 45 10.88 13.34 -25.94
CA LEU A 45 9.58 13.45 -25.26
C LEU A 45 8.81 14.69 -25.67
N THR A 46 7.53 14.49 -26.01
CA THR A 46 6.64 15.56 -26.42
C THR A 46 5.63 15.90 -25.34
N MSE A 47 5.31 17.19 -25.23
CA MSE A 47 4.35 17.68 -24.25
C MSE A 47 2.99 16.98 -24.45
O MSE A 47 2.29 16.67 -23.47
CB MSE A 47 4.20 19.18 -24.41
CG MSE A 47 3.34 19.85 -23.37
SE MSE A 47 4.00 19.55 -21.56
CE MSE A 47 2.37 20.00 -20.61
N GLU A 48 2.63 16.76 -25.71
CA GLU A 48 1.37 16.11 -26.08
C GLU A 48 1.43 14.67 -25.58
N GLU A 49 2.65 14.12 -25.66
CA GLU A 49 2.96 12.76 -25.23
C GLU A 49 2.52 12.58 -23.77
N CYS A 50 2.91 13.56 -22.95
CA CYS A 50 2.59 13.60 -21.54
C CYS A 50 1.09 13.75 -21.33
N ILE A 51 0.53 14.80 -21.94
CA ILE A 51 -0.90 15.08 -21.82
C ILE A 51 -1.70 13.80 -21.98
N GLU A 52 -1.36 13.05 -23.01
CA GLU A 52 -2.04 11.78 -23.29
C GLU A 52 -2.10 10.97 -22.00
N ASN A 53 -0.92 10.72 -21.43
CA ASN A 53 -0.77 9.97 -20.20
C ASN A 53 -1.57 10.60 -19.05
N VAL A 54 -1.39 11.88 -18.82
CA VAL A 54 -2.16 12.55 -17.78
C VAL A 54 -3.67 12.26 -17.99
N ASN A 55 -4.14 12.33 -19.23
CA ASN A 55 -5.53 12.06 -19.51
C ASN A 55 -5.84 10.62 -19.18
N ARG A 56 -4.86 9.75 -19.46
CA ARG A 56 -5.04 8.34 -19.22
C ARG A 56 -5.32 8.02 -17.75
N VAL A 57 -4.52 8.60 -16.86
CA VAL A 57 -4.70 8.40 -15.44
C VAL A 57 -6.07 8.93 -14.96
N ILE A 58 -6.43 10.11 -15.45
CA ILE A 58 -7.68 10.74 -15.07
C ILE A 58 -8.91 9.97 -15.53
N SER A 59 -8.78 9.21 -16.61
CA SER A 59 -9.89 8.40 -17.12
C SER A 59 -10.27 7.23 -16.20
N LYS A 60 -9.47 7.01 -15.16
CA LYS A 60 -9.66 5.93 -14.18
C LYS A 60 -10.58 6.28 -13.00
N ARG A 61 -11.57 5.44 -12.75
CA ARG A 61 -12.50 5.65 -11.63
C ARG A 61 -11.75 5.81 -10.30
N GLU A 62 -10.85 4.88 -10.03
CA GLU A 62 -10.10 4.93 -8.79
C GLU A 62 -9.52 6.33 -8.56
N VAL A 63 -9.07 6.97 -9.62
CA VAL A 63 -8.48 8.29 -9.58
C VAL A 63 -9.53 9.38 -9.46
N GLN A 64 -10.67 9.17 -10.09
CA GLN A 64 -11.76 10.13 -10.02
C GLN A 64 -12.17 10.10 -8.58
N ASN A 65 -12.50 8.88 -8.13
CA ASN A 65 -12.93 8.67 -6.76
C ASN A 65 -11.99 9.42 -5.82
N ALA A 66 -10.72 9.45 -6.19
CA ALA A 66 -9.72 10.13 -5.37
C ALA A 66 -9.85 11.62 -5.57
N ILE A 67 -9.77 12.07 -6.82
CA ILE A 67 -9.88 13.48 -7.13
C ILE A 67 -11.14 14.12 -6.55
N LEU A 68 -12.27 13.43 -6.61
CA LEU A 68 -13.49 14.02 -6.07
C LEU A 68 -13.40 14.21 -4.57
N THR A 69 -13.23 13.12 -3.83
CA THR A 69 -13.11 13.17 -2.37
C THR A 69 -12.07 14.21 -1.92
N GLY A 70 -10.94 14.23 -2.61
CA GLY A 70 -9.89 15.18 -2.27
C GLY A 70 -10.37 16.61 -2.33
N ILE A 71 -10.80 17.06 -3.50
CA ILE A 71 -11.26 18.43 -3.63
C ILE A 71 -12.56 18.74 -2.87
N GLN A 72 -13.21 17.71 -2.35
CA GLN A 72 -14.44 17.92 -1.57
C GLN A 72 -14.06 18.48 -0.20
N LEU A 73 -13.20 17.74 0.49
CA LEU A 73 -12.71 18.14 1.81
C LEU A 73 -11.95 19.46 1.71
N ASP A 74 -11.10 19.58 0.69
CA ASP A 74 -10.32 20.80 0.50
C ASP A 74 -11.24 22.02 0.54
N LYS A 75 -12.44 21.88 0.01
CA LYS A 75 -13.42 22.97 -0.02
C LYS A 75 -14.09 23.22 1.33
N LEU A 76 -14.69 22.20 1.91
CA LEU A 76 -15.34 22.35 3.21
C LEU A 76 -14.39 22.97 4.22
N ALA A 77 -13.13 22.59 4.15
CA ALA A 77 -12.12 23.11 5.07
C ALA A 77 -11.82 24.57 4.70
N GLU A 78 -12.13 24.93 3.46
CA GLU A 78 -11.90 26.31 2.98
C GLU A 78 -13.10 27.17 3.34
N ASP A 79 -14.27 26.53 3.42
CA ASP A 79 -15.51 27.22 3.78
C ASP A 79 -15.82 26.94 5.24
N GLY A 80 -14.79 26.56 5.99
CA GLY A 80 -14.97 26.26 7.39
C GLY A 80 -16.22 25.45 7.75
N ARG A 81 -16.78 24.70 6.79
CA ARG A 81 -17.99 23.91 7.05
C ARG A 81 -17.71 22.59 7.83
N LEU A 82 -16.44 22.23 7.95
CA LEU A 82 -16.02 20.99 8.64
C LEU A 82 -16.03 21.01 10.17
N ASP A 83 -16.43 19.88 10.75
CA ASP A 83 -16.45 19.75 12.20
C ASP A 83 -15.02 19.73 12.75
N GLU A 84 -14.90 20.06 14.03
CA GLU A 84 -13.61 20.08 14.68
C GLU A 84 -13.41 18.80 15.47
N PRO A 85 -12.15 18.37 15.65
CA PRO A 85 -10.90 18.98 15.17
C PRO A 85 -10.47 18.77 13.71
N LEU A 86 -11.28 18.10 12.89
CA LEU A 86 -10.88 17.87 11.49
C LEU A 86 -10.69 19.17 10.72
N GLN A 87 -11.65 20.07 10.88
CA GLN A 87 -11.65 21.37 10.22
C GLN A 87 -10.27 22.04 10.26
N SER A 88 -9.86 22.41 11.47
CA SER A 88 -8.59 23.08 11.70
C SER A 88 -7.38 22.27 11.23
N ILE A 89 -7.34 20.98 11.57
CA ILE A 89 -6.22 20.11 11.18
C ILE A 89 -6.01 20.15 9.67
N ILE A 90 -7.10 19.88 8.93
CA ILE A 90 -7.09 19.87 7.49
C ILE A 90 -6.86 21.27 6.94
N ARG A 91 -7.51 22.27 7.52
CA ARG A 91 -7.32 23.63 7.02
C ARG A 91 -5.88 24.06 7.18
N ARG A 92 -5.28 23.70 8.31
CA ARG A 92 -3.90 24.06 8.60
C ARG A 92 -2.90 23.30 7.72
N ASP A 93 -3.25 22.07 7.34
CA ASP A 93 -2.36 21.27 6.51
C ASP A 93 -1.09 21.00 7.32
N GLU A 94 -1.25 20.29 8.43
CA GLU A 94 -0.12 19.98 9.28
C GLU A 94 0.56 18.66 8.91
N GLY A 95 1.88 18.65 9.07
CA GLY A 95 2.70 17.48 8.75
C GLY A 95 2.35 16.16 9.41
N LEU A 96 1.53 16.18 10.45
CA LEU A 96 1.15 14.95 11.14
C LEU A 96 -0.09 14.31 10.52
N TYR A 97 -0.78 15.05 9.66
CA TYR A 97 -1.98 14.53 8.97
C TYR A 97 -1.47 13.81 7.72
N GLY A 98 -1.76 12.52 7.61
CA GLY A 98 -1.29 11.76 6.47
C GLY A 98 -2.29 11.38 5.39
N VAL A 99 -3.57 11.30 5.76
CA VAL A 99 -4.64 10.94 4.83
C VAL A 99 -4.53 11.64 3.47
N ASP A 100 -4.02 12.87 3.48
CA ASP A 100 -3.85 13.60 2.22
C ASP A 100 -2.72 12.96 1.40
N GLU A 101 -1.99 12.04 2.03
CA GLU A 101 -0.89 11.33 1.40
C GLU A 101 -1.32 9.90 1.12
N ILE A 102 -2.31 9.44 1.88
CA ILE A 102 -2.86 8.09 1.70
C ILE A 102 -3.69 8.08 0.42
N LEU A 103 -4.39 9.19 0.15
CA LEU A 103 -5.18 9.29 -1.07
C LEU A 103 -4.28 9.37 -2.28
N ALA A 104 -3.25 10.21 -2.22
CA ALA A 104 -2.34 10.36 -3.35
C ALA A 104 -1.69 9.05 -3.76
N LEU A 105 -1.46 8.16 -2.80
CA LEU A 105 -0.83 6.88 -3.06
C LEU A 105 -1.74 6.00 -3.91
N SER A 106 -3.03 6.01 -3.59
CA SER A 106 -3.99 5.21 -4.32
C SER A 106 -4.01 5.62 -5.78
N ILE A 107 -3.62 6.86 -6.04
CA ILE A 107 -3.56 7.31 -7.43
C ILE A 107 -2.28 6.73 -8.01
N VAL A 108 -1.17 6.95 -7.30
CA VAL A 108 0.12 6.46 -7.75
C VAL A 108 0.14 4.94 -7.98
N ASN A 109 -0.52 4.18 -7.11
CA ASN A 109 -0.56 2.72 -7.26
C ASN A 109 -1.24 2.30 -8.55
N VAL A 110 -2.20 3.11 -8.99
CA VAL A 110 -2.92 2.84 -10.23
C VAL A 110 -1.96 2.42 -11.32
N TYR A 111 -0.73 2.93 -11.30
CA TYR A 111 0.23 2.51 -12.31
C TYR A 111 1.44 1.77 -11.77
N GLY A 112 1.39 1.41 -10.49
CA GLY A 112 2.47 0.65 -9.90
C GLY A 112 3.41 1.27 -8.89
N SER A 113 4.21 0.38 -8.30
CA SER A 113 5.20 0.77 -7.30
C SER A 113 6.27 1.68 -7.90
N ILE A 114 6.57 1.52 -9.18
CA ILE A 114 7.58 2.33 -9.84
C ILE A 114 7.40 3.84 -9.62
N GLY A 115 6.16 4.31 -9.66
CA GLY A 115 5.94 5.73 -9.48
C GLY A 115 6.08 6.27 -8.07
N PHE A 116 6.36 5.43 -7.08
CA PHE A 116 6.46 5.91 -5.71
C PHE A 116 7.52 6.98 -5.52
N THR A 117 8.74 6.69 -5.94
CA THR A 117 9.83 7.62 -5.77
C THR A 117 9.54 8.97 -6.43
N ASN A 118 9.13 8.98 -7.69
CA ASN A 118 8.83 10.24 -8.35
C ASN A 118 7.77 11.03 -7.61
N TYR A 119 6.83 10.32 -6.99
CA TYR A 119 5.78 10.99 -6.25
C TYR A 119 6.30 11.83 -5.09
N GLY A 120 6.97 11.17 -4.16
CA GLY A 120 7.52 11.88 -3.02
C GLY A 120 8.49 12.93 -3.50
N TYR A 121 9.19 12.63 -4.59
CA TYR A 121 10.15 13.56 -5.16
C TYR A 121 9.55 14.91 -5.54
N ILE A 122 8.51 14.93 -6.37
CA ILE A 122 7.93 16.22 -6.72
C ILE A 122 7.05 16.76 -5.61
N ASP A 123 6.79 15.96 -4.58
CA ASP A 123 5.96 16.46 -3.50
C ASP A 123 6.85 17.35 -2.63
N LYS A 124 8.16 17.11 -2.71
CA LYS A 124 9.11 17.92 -1.95
C LYS A 124 9.58 19.10 -2.78
N GLN A 125 10.04 18.84 -4.01
CA GLN A 125 10.53 19.90 -4.89
C GLN A 125 9.41 20.81 -5.40
N LYS A 126 8.17 20.44 -5.12
CA LYS A 126 6.99 21.21 -5.57
C LYS A 126 7.11 22.11 -6.82
N PRO A 127 7.59 21.56 -7.95
CA PRO A 127 7.70 22.38 -9.17
C PRO A 127 6.34 22.69 -9.82
N GLY A 128 6.29 23.70 -10.69
CA GLY A 128 5.08 24.09 -11.39
C GLY A 128 3.88 24.47 -10.52
N ILE A 129 2.69 24.09 -10.95
CA ILE A 129 1.47 24.40 -10.21
C ILE A 129 1.61 24.12 -8.72
N LEU A 130 2.22 22.99 -8.39
CA LEU A 130 2.41 22.60 -7.00
C LEU A 130 2.81 23.81 -6.19
N GLN A 131 3.65 24.64 -6.82
CA GLN A 131 4.11 25.87 -6.21
C GLN A 131 2.91 26.69 -5.74
N TYR A 132 1.96 26.87 -6.65
CA TYR A 132 0.76 27.62 -6.34
C TYR A 132 -0.15 26.94 -5.33
N LEU A 133 -0.30 25.62 -5.43
CA LEU A 133 -1.18 24.91 -4.52
C LEU A 133 -0.65 24.81 -3.11
N ASN A 134 0.67 24.80 -2.96
CA ASN A 134 1.20 24.70 -1.61
C ASN A 134 1.32 26.07 -0.97
N ASP A 135 1.25 27.11 -1.78
CA ASP A 135 1.32 28.48 -1.29
C ASP A 135 0.13 28.74 -0.37
N LYS A 136 0.41 29.03 0.91
CA LYS A 136 -0.65 29.24 1.88
C LYS A 136 -1.17 30.65 1.94
N SER A 137 -0.55 31.54 1.16
CA SER A 137 -0.96 32.94 1.12
C SER A 137 -2.18 33.18 0.20
N THR A 138 -2.27 32.41 -0.88
CA THR A 138 -3.37 32.54 -1.84
C THR A 138 -4.76 32.53 -1.19
N GLY A 139 -4.83 32.13 0.06
CA GLY A 139 -6.10 32.09 0.75
C GLY A 139 -6.86 30.79 0.50
N LYS A 140 -6.50 30.11 -0.58
CA LYS A 140 -7.14 28.85 -0.95
C LYS A 140 -6.50 27.65 -0.24
N CYS A 141 -7.34 26.72 0.22
CA CYS A 141 -6.89 25.50 0.92
C CYS A 141 -6.69 24.36 -0.08
N ASN A 142 -5.43 23.92 -0.22
CA ASN A 142 -5.08 22.85 -1.16
C ASN A 142 -4.43 21.65 -0.49
N THR A 143 -4.85 21.35 0.73
CA THR A 143 -4.32 20.23 1.50
C THR A 143 -4.20 18.94 0.68
N PHE A 144 -5.32 18.50 0.11
CA PHE A 144 -5.32 17.28 -0.68
C PHE A 144 -4.84 17.45 -2.10
N LEU A 145 -5.40 18.45 -2.78
CA LEU A 145 -5.09 18.66 -4.18
C LEU A 145 -3.63 18.72 -4.62
N ASP A 146 -2.77 19.43 -3.90
CA ASP A 146 -1.38 19.50 -4.35
C ASP A 146 -0.65 18.17 -4.19
N ASP A 147 -1.29 17.24 -3.48
CA ASP A 147 -0.73 15.90 -3.28
C ASP A 147 -1.20 15.02 -4.46
N ILE A 148 -2.48 15.12 -4.81
CA ILE A 148 -3.01 14.35 -5.91
C ILE A 148 -2.50 14.90 -7.25
N VAL A 149 -2.23 16.20 -7.32
CA VAL A 149 -1.73 16.73 -8.58
C VAL A 149 -0.37 16.12 -8.82
N GLY A 150 0.38 15.98 -7.72
CA GLY A 150 1.72 15.41 -7.79
C GLY A 150 1.65 13.93 -8.04
N ALA A 151 0.66 13.29 -7.41
CA ALA A 151 0.48 11.86 -7.60
C ALA A 151 0.13 11.59 -9.07
N ILE A 152 -0.91 12.25 -9.57
CA ILE A 152 -1.32 12.07 -10.96
C ILE A 152 -0.11 12.22 -11.89
N ALA A 153 0.70 13.25 -11.68
CA ALA A 153 1.90 13.45 -12.50
C ALA A 153 2.80 12.20 -12.44
N ALA A 154 3.03 11.71 -11.22
CA ALA A 154 3.85 10.53 -10.98
C ALA A 154 3.33 9.30 -11.72
N ALA A 155 2.05 9.00 -11.50
CA ALA A 155 1.37 7.87 -12.12
C ALA A 155 1.38 7.94 -13.64
N ALA A 156 1.28 9.16 -14.19
CA ALA A 156 1.31 9.36 -15.62
C ALA A 156 2.70 9.00 -16.13
N SER A 157 3.72 9.33 -15.34
CA SER A 157 5.10 9.03 -15.69
C SER A 157 5.37 7.53 -15.57
N SER A 158 4.75 6.92 -14.57
CA SER A 158 4.86 5.49 -14.35
C SER A 158 4.30 4.80 -15.58
N ARG A 159 3.17 5.30 -16.07
CA ARG A 159 2.53 4.77 -17.27
C ARG A 159 3.33 5.11 -18.53
N LEU A 160 3.85 6.32 -18.60
CA LEU A 160 4.65 6.70 -19.75
C LEU A 160 5.79 5.69 -19.84
N ALA A 161 6.44 5.47 -18.70
CA ALA A 161 7.54 4.53 -18.59
C ALA A 161 7.12 3.13 -19.04
N HIS A 162 6.04 2.60 -18.50
CA HIS A 162 5.58 1.28 -18.92
C HIS A 162 5.38 1.15 -20.42
N ARG A 163 5.17 2.29 -21.09
CA ARG A 163 4.95 2.28 -22.54
C ARG A 163 6.24 2.27 -23.38
N ALA A 164 7.17 3.16 -23.08
CA ALA A 164 8.42 3.21 -23.83
C ALA A 164 8.94 1.81 -24.11
N SER B 1 8.91 -26.76 14.88
CA SER B 1 9.14 -26.16 16.23
C SER B 1 8.50 -24.76 16.31
N ASN B 2 7.65 -24.56 17.30
CA ASN B 2 6.94 -23.30 17.49
C ASN B 2 7.71 -22.37 18.45
N ALA B 3 8.30 -22.94 19.50
CA ALA B 3 9.08 -22.17 20.45
C ALA B 3 10.29 -21.64 19.70
N MSE B 4 10.76 -22.43 18.75
CA MSE B 4 11.90 -22.09 17.90
C MSE B 4 11.50 -20.93 16.99
O MSE B 4 12.33 -20.11 16.58
CB MSE B 4 12.28 -23.32 17.07
CG MSE B 4 13.42 -23.08 16.13
SE MSE B 4 15.01 -22.60 17.09
CE MSE B 4 16.34 -23.38 15.93
N SER B 5 10.22 -20.87 16.67
CA SER B 5 9.70 -19.80 15.82
C SER B 5 9.73 -18.51 16.62
N GLU B 6 9.33 -18.57 17.89
CA GLU B 6 9.34 -17.39 18.74
C GLU B 6 10.76 -16.91 18.90
N PHE B 7 11.65 -17.83 19.19
CA PHE B 7 13.04 -17.48 19.36
C PHE B 7 13.56 -16.78 18.10
N ILE B 8 13.17 -17.27 16.93
CA ILE B 8 13.64 -16.65 15.70
C ILE B 8 13.04 -15.29 15.36
N MSE B 9 11.72 -15.18 15.38
CA MSE B 9 11.07 -13.93 15.04
C MSE B 9 11.30 -12.84 16.06
O MSE B 9 10.95 -11.66 15.86
CB MSE B 9 9.58 -14.17 14.81
CG MSE B 9 9.29 -15.09 13.61
SE MSE B 9 10.30 -14.61 11.98
CE MSE B 9 9.36 -12.95 11.59
N ASN B 10 11.92 -13.23 17.17
CA ASN B 10 12.20 -12.29 18.24
C ASN B 10 13.65 -11.86 18.20
N ASN B 11 14.46 -12.57 17.43
CA ASN B 11 15.86 -12.22 17.35
C ASN B 11 16.37 -12.00 15.93
N LEU B 12 15.76 -11.05 15.23
CA LEU B 12 16.17 -10.73 13.86
C LEU B 12 17.00 -9.45 13.81
N GLU B 13 16.71 -8.52 14.71
CA GLU B 13 17.40 -7.23 14.77
C GLU B 13 18.92 -7.16 14.55
N GLN B 14 19.70 -7.72 15.44
CA GLN B 14 21.14 -7.63 15.25
C GLN B 14 21.62 -8.28 13.97
N THR B 15 20.90 -9.29 13.50
CA THR B 15 21.29 -9.97 12.28
C THR B 15 21.11 -8.98 11.15
N ALA B 16 19.97 -8.27 11.22
CA ALA B 16 19.61 -7.25 10.24
C ALA B 16 20.72 -6.19 10.20
N ARG B 17 21.19 -5.80 11.39
CA ARG B 17 22.26 -4.82 11.53
C ARG B 17 23.56 -5.31 10.90
N ARG B 18 23.94 -6.56 11.19
CA ARG B 18 25.16 -7.14 10.66
C ARG B 18 25.16 -7.19 9.14
N TRP B 19 24.06 -7.69 8.59
CA TRP B 19 23.94 -7.80 7.16
C TRP B 19 24.11 -6.42 6.56
N LEU B 20 23.58 -5.40 7.23
CA LEU B 20 23.73 -4.05 6.71
C LEU B 20 25.21 -3.68 6.70
N GLU B 21 25.92 -4.04 7.78
CA GLU B 21 27.34 -3.74 7.89
C GLU B 21 28.12 -4.46 6.80
N GLU B 22 27.79 -5.74 6.60
CA GLU B 22 28.45 -6.54 5.58
C GLU B 22 28.24 -5.92 4.21
N ARG B 23 27.11 -5.25 4.02
CA ARG B 23 26.80 -4.63 2.74
C ARG B 23 27.29 -3.20 2.67
N GLY B 24 28.13 -2.82 3.60
CA GLY B 24 28.67 -1.48 3.62
C GLY B 24 27.81 -0.40 4.25
N VAL B 25 26.79 -0.76 5.00
CA VAL B 25 25.99 0.29 5.59
C VAL B 25 26.00 0.26 7.09
N THR B 26 26.27 1.43 7.65
CA THR B 26 26.35 1.63 9.08
C THR B 26 25.14 2.41 9.54
N VAL B 27 24.78 2.24 10.79
CA VAL B 27 23.64 2.96 11.33
C VAL B 27 23.96 4.43 11.24
N GLU B 28 25.24 4.76 11.44
CA GLU B 28 25.68 6.14 11.38
C GLU B 28 25.35 6.74 10.01
N LYS B 29 25.85 6.09 8.96
CA LYS B 29 25.62 6.53 7.59
C LYS B 29 24.12 6.76 7.35
N ILE B 30 23.27 5.87 7.85
CA ILE B 30 21.83 6.02 7.64
C ILE B 30 21.44 7.25 8.43
N ALA B 31 21.94 7.34 9.65
CA ALA B 31 21.65 8.47 10.53
C ALA B 31 21.96 9.80 9.85
N GLU B 32 23.04 9.79 9.07
CA GLU B 32 23.48 10.96 8.33
C GLU B 32 22.45 11.45 7.32
N LEU B 33 21.65 10.53 6.79
CA LEU B 33 20.63 10.90 5.84
C LEU B 33 19.50 11.54 6.61
N VAL B 34 19.15 10.96 7.76
CA VAL B 34 18.08 11.52 8.56
C VAL B 34 18.50 12.96 8.81
N TYR B 35 19.78 13.14 9.13
CA TYR B 35 20.30 14.48 9.36
C TYR B 35 19.91 15.37 8.17
N TYR B 36 20.44 15.03 6.99
CA TYR B 36 20.14 15.74 5.75
C TYR B 36 18.65 16.06 5.64
N LEU B 37 17.80 15.10 5.99
CA LEU B 37 16.37 15.33 5.90
C LEU B 37 15.78 16.26 6.97
N GLN B 38 16.40 16.31 8.14
CA GLN B 38 15.87 17.16 9.23
C GLN B 38 16.73 18.31 9.75
N SER B 39 17.99 18.43 9.32
CA SER B 39 18.87 19.51 9.81
C SER B 39 18.41 20.90 9.40
N LYS B 40 17.80 21.03 8.24
CA LYS B 40 17.30 22.31 7.77
C LYS B 40 16.15 22.85 8.67
N TYR B 41 15.57 21.99 9.50
CA TYR B 41 14.47 22.40 10.35
C TYR B 41 14.79 22.34 11.84
N HIS B 42 15.90 21.67 12.14
CA HIS B 42 16.34 21.54 13.50
C HIS B 42 17.85 21.63 13.40
N PRO B 43 18.38 22.86 13.28
CA PRO B 43 19.83 23.10 13.17
C PRO B 43 20.59 22.60 14.40
N ASP B 44 19.88 22.54 15.51
CA ASP B 44 20.49 22.07 16.75
C ASP B 44 20.40 20.53 16.87
N LEU B 45 20.03 19.88 15.77
CA LEU B 45 19.90 18.42 15.74
C LEU B 45 21.24 17.75 15.93
N THR B 46 21.32 16.84 16.90
CA THR B 46 22.54 16.09 17.17
C THR B 46 22.52 14.76 16.44
N MSE B 47 23.68 14.32 15.97
CA MSE B 47 23.81 13.07 15.25
C MSE B 47 23.34 11.91 16.15
O MSE B 47 22.91 10.86 15.66
CB MSE B 47 25.26 12.86 14.84
CG MSE B 47 25.43 11.81 13.77
SE MSE B 47 24.41 12.24 12.18
CE MSE B 47 25.84 12.99 11.13
N GLU B 48 23.41 12.13 17.46
CA GLU B 48 22.99 11.13 18.43
C GLU B 48 21.49 10.88 18.30
N GLU B 49 20.70 11.96 18.31
CA GLU B 49 19.26 11.81 18.21
C GLU B 49 18.87 11.16 16.90
N CYS B 50 19.73 11.27 15.89
CA CYS B 50 19.44 10.68 14.59
C CYS B 50 19.58 9.17 14.72
N ILE B 51 20.72 8.74 15.24
CA ILE B 51 20.98 7.34 15.49
C ILE B 51 19.85 6.76 16.34
N GLU B 52 19.53 7.40 17.45
CA GLU B 52 18.46 6.86 18.27
C GLU B 52 17.20 6.57 17.43
N ASN B 53 16.89 7.45 16.48
CA ASN B 53 15.70 7.22 15.64
C ASN B 53 15.85 6.11 14.62
N VAL B 54 17.03 5.99 14.03
CA VAL B 54 17.30 4.93 13.06
C VAL B 54 17.28 3.56 13.80
N ASN B 55 17.86 3.50 14.99
CA ASN B 55 17.87 2.26 15.76
C ASN B 55 16.45 1.80 16.03
N ARG B 56 15.59 2.75 16.39
CA ARG B 56 14.20 2.45 16.68
C ARG B 56 13.46 1.90 15.49
N VAL B 57 13.85 2.35 14.30
CA VAL B 57 13.21 1.85 13.11
C VAL B 57 13.63 0.40 12.94
N ILE B 58 14.93 0.17 12.91
CA ILE B 58 15.47 -1.16 12.72
C ILE B 58 15.02 -2.16 13.80
N SER B 59 14.50 -1.65 14.91
CA SER B 59 14.06 -2.52 15.98
C SER B 59 12.69 -3.11 15.63
N LYS B 60 12.14 -2.69 14.50
CA LYS B 60 10.86 -3.20 14.03
C LYS B 60 10.97 -4.51 13.21
N ARG B 61 10.21 -5.52 13.63
CA ARG B 61 10.17 -6.83 12.98
C ARG B 61 9.94 -6.62 11.46
N GLU B 62 9.00 -5.73 11.14
CA GLU B 62 8.69 -5.39 9.75
C GLU B 62 9.99 -5.05 8.99
N VAL B 63 10.67 -4.00 9.44
CA VAL B 63 11.89 -3.52 8.82
C VAL B 63 12.90 -4.65 8.67
N GLN B 64 13.14 -5.36 9.77
CA GLN B 64 14.06 -6.50 9.79
C GLN B 64 13.74 -7.49 8.66
N ASN B 65 12.45 -7.78 8.51
CA ASN B 65 12.06 -8.71 7.47
C ASN B 65 12.42 -8.17 6.11
N ALA B 66 12.13 -6.89 5.90
CA ALA B 66 12.43 -6.23 4.62
C ALA B 66 13.92 -6.19 4.38
N ILE B 67 14.69 -5.85 5.40
CA ILE B 67 16.15 -5.82 5.25
C ILE B 67 16.68 -7.19 4.85
N LEU B 68 16.35 -8.23 5.62
CA LEU B 68 16.88 -9.57 5.31
C LEU B 68 16.55 -10.00 3.90
N THR B 69 15.30 -9.82 3.50
CA THR B 69 14.85 -10.22 2.18
C THR B 69 15.56 -9.47 1.05
N GLY B 70 15.52 -8.15 1.08
CA GLY B 70 16.16 -7.37 0.03
C GLY B 70 17.66 -7.63 -0.09
N ILE B 71 18.36 -7.65 1.04
CA ILE B 71 19.79 -7.91 0.96
C ILE B 71 20.01 -9.31 0.37
N GLN B 72 19.28 -10.29 0.88
CA GLN B 72 19.38 -11.67 0.38
C GLN B 72 19.32 -11.67 -1.14
N LEU B 73 18.40 -10.88 -1.68
CA LEU B 73 18.23 -10.81 -3.12
C LEU B 73 19.40 -10.12 -3.81
N ASP B 74 19.84 -8.97 -3.29
CA ASP B 74 21.00 -8.27 -3.88
C ASP B 74 22.20 -9.23 -3.88
N LYS B 75 22.40 -9.89 -2.74
CA LYS B 75 23.48 -10.84 -2.64
C LYS B 75 23.37 -11.89 -3.76
N LEU B 76 22.20 -12.50 -3.90
CA LEU B 76 22.00 -13.54 -4.92
C LEU B 76 22.22 -13.04 -6.35
N ALA B 77 21.66 -11.87 -6.65
CA ALA B 77 21.81 -11.28 -7.97
C ALA B 77 23.30 -11.00 -8.25
N GLU B 78 24.03 -10.69 -7.18
CA GLU B 78 25.44 -10.37 -7.23
C GLU B 78 26.29 -11.57 -7.59
N ASP B 79 25.95 -12.71 -7.01
CA ASP B 79 26.67 -13.96 -7.27
C ASP B 79 25.95 -14.71 -8.40
N GLY B 80 25.19 -13.97 -9.20
CA GLY B 80 24.45 -14.56 -10.29
C GLY B 80 23.77 -15.88 -9.98
N ARG B 81 23.21 -16.04 -8.79
CA ARG B 81 22.56 -17.29 -8.43
C ARG B 81 21.05 -17.26 -8.56
N LEU B 82 20.51 -16.19 -9.13
CA LEU B 82 19.06 -16.07 -9.33
C LEU B 82 18.83 -16.64 -10.71
N ASP B 83 17.59 -16.92 -11.06
CA ASP B 83 17.28 -17.47 -12.39
C ASP B 83 16.87 -16.37 -13.37
N GLU B 84 17.22 -16.54 -14.64
CA GLU B 84 16.83 -15.53 -15.61
C GLU B 84 15.33 -15.68 -15.82
N PRO B 85 14.63 -14.57 -16.09
CA PRO B 85 15.16 -13.23 -16.21
C PRO B 85 15.27 -12.41 -14.92
N LEU B 86 14.90 -12.99 -13.77
CA LEU B 86 14.96 -12.22 -12.53
C LEU B 86 16.38 -11.77 -12.26
N GLN B 87 17.33 -12.67 -12.49
CA GLN B 87 18.75 -12.42 -12.31
C GLN B 87 19.20 -11.09 -12.93
N SER B 88 18.88 -10.85 -14.19
CA SER B 88 19.24 -9.60 -14.86
C SER B 88 18.41 -8.42 -14.34
N ILE B 89 17.12 -8.66 -14.15
CA ILE B 89 16.23 -7.62 -13.66
C ILE B 89 16.73 -7.04 -12.32
N ILE B 90 17.24 -7.88 -11.44
CA ILE B 90 17.73 -7.37 -10.18
C ILE B 90 19.18 -6.89 -10.29
N ARG B 91 20.05 -7.65 -10.93
N ARG B 91 20.06 -7.70 -10.88
CA ARG B 91 21.43 -7.22 -11.05
CA ARG B 91 21.47 -7.34 -10.99
C ARG B 91 21.52 -5.90 -11.80
C ARG B 91 21.69 -5.97 -11.63
N ARG B 92 20.73 -5.79 -12.86
N ARG B 92 20.94 -5.69 -12.68
CA ARG B 92 20.73 -4.60 -13.69
CA ARG B 92 21.08 -4.43 -13.40
C ARG B 92 19.74 -3.53 -13.25
C ARG B 92 20.15 -3.33 -12.90
N ASP B 93 19.21 -3.68 -12.03
CA ASP B 93 18.26 -2.70 -11.49
C ASP B 93 17.25 -2.26 -12.56
N GLU B 94 16.66 -3.25 -13.24
CA GLU B 94 15.69 -3.02 -14.30
C GLU B 94 14.70 -1.92 -13.94
N GLY B 95 14.35 -1.11 -14.94
CA GLY B 95 13.47 0.05 -14.74
C GLY B 95 12.02 -0.09 -14.39
N LEU B 96 11.40 -1.21 -14.76
CA LEU B 96 9.99 -1.42 -14.45
C LEU B 96 9.77 -2.34 -13.26
N TYR B 97 10.85 -2.74 -12.61
CA TYR B 97 10.78 -3.62 -11.45
C TYR B 97 10.57 -2.78 -10.19
N GLY B 98 9.47 -3.04 -9.48
CA GLY B 98 9.17 -2.29 -8.26
C GLY B 98 9.14 -3.09 -6.94
N VAL B 99 9.57 -4.35 -6.99
CA VAL B 99 9.54 -5.18 -5.79
C VAL B 99 10.43 -4.56 -4.71
N ASP B 100 11.49 -3.87 -5.14
CA ASP B 100 12.39 -3.21 -4.19
C ASP B 100 11.72 -2.00 -3.53
N GLU B 101 10.88 -1.29 -4.29
CA GLU B 101 10.16 -0.14 -3.76
C GLU B 101 9.01 -0.60 -2.90
N ILE B 102 8.42 -1.73 -3.25
CA ILE B 102 7.32 -2.29 -2.48
C ILE B 102 7.85 -2.65 -1.09
N LEU B 103 9.02 -3.27 -1.05
CA LEU B 103 9.66 -3.63 0.22
C LEU B 103 10.02 -2.38 1.00
N ALA B 104 10.43 -1.32 0.31
CA ALA B 104 10.81 -0.10 1.02
C ALA B 104 9.59 0.57 1.68
N LEU B 105 8.50 0.62 0.95
CA LEU B 105 7.26 1.21 1.43
C LEU B 105 6.79 0.51 2.70
N SER B 106 7.13 -0.76 2.89
CA SER B 106 6.67 -1.41 4.09
C SER B 106 7.49 -0.86 5.25
N ILE B 107 8.68 -0.37 4.96
CA ILE B 107 9.52 0.21 5.99
C ILE B 107 8.99 1.61 6.29
N VAL B 108 8.79 2.39 5.24
CA VAL B 108 8.28 3.72 5.43
C VAL B 108 6.98 3.73 6.19
N ASN B 109 6.03 2.86 5.81
CA ASN B 109 4.72 2.77 6.47
C ASN B 109 4.82 2.48 7.96
N VAL B 110 5.93 1.92 8.38
CA VAL B 110 6.11 1.60 9.78
C VAL B 110 5.83 2.83 10.63
N TYR B 111 6.08 4.01 10.06
CA TYR B 111 5.84 5.26 10.76
C TYR B 111 4.86 6.16 10.02
N GLY B 112 4.01 5.57 9.19
CA GLY B 112 3.02 6.37 8.49
C GLY B 112 3.36 6.88 7.11
N SER B 113 2.40 7.56 6.51
CA SER B 113 2.50 8.14 5.16
C SER B 113 3.35 9.41 5.03
N ILE B 114 3.61 10.06 6.16
CA ILE B 114 4.40 11.27 6.17
C ILE B 114 5.80 11.03 5.59
N GLY B 115 6.41 9.91 5.97
CA GLY B 115 7.73 9.58 5.48
C GLY B 115 7.80 9.16 4.02
N PHE B 116 6.64 9.11 3.36
CA PHE B 116 6.59 8.73 1.95
C PHE B 116 7.27 9.74 1.04
N THR B 117 6.80 10.97 1.10
CA THR B 117 7.37 12.01 0.27
C THR B 117 8.89 12.15 0.48
N ASN B 118 9.34 12.02 1.72
CA ASN B 118 10.75 12.13 2.03
C ASN B 118 11.55 10.96 1.46
N TYR B 119 10.92 9.79 1.41
CA TYR B 119 11.57 8.61 0.89
C TYR B 119 11.82 8.72 -0.62
N GLY B 120 10.79 9.15 -1.36
CA GLY B 120 10.92 9.31 -2.79
C GLY B 120 11.93 10.41 -3.07
N TYR B 121 11.90 11.45 -2.24
CA TYR B 121 12.80 12.57 -2.42
C TYR B 121 14.23 12.13 -2.26
N ILE B 122 14.57 11.57 -1.10
CA ILE B 122 15.93 11.12 -0.87
C ILE B 122 16.24 9.98 -1.85
N ASP B 123 15.24 9.20 -2.23
CA ASP B 123 15.48 8.11 -3.17
C ASP B 123 15.70 8.62 -4.59
N LYS B 124 15.98 9.91 -4.73
CA LYS B 124 16.22 10.53 -6.04
C LYS B 124 17.53 11.28 -5.96
N GLN B 125 17.63 12.17 -4.98
CA GLN B 125 18.84 12.96 -4.77
C GLN B 125 20.05 12.03 -4.51
N LYS B 126 19.79 10.90 -3.85
CA LYS B 126 20.81 9.91 -3.54
C LYS B 126 22.07 10.45 -2.83
N PRO B 127 21.89 11.11 -1.69
CA PRO B 127 23.04 11.65 -0.93
C PRO B 127 23.80 10.57 -0.17
N GLY B 128 24.71 10.97 0.71
CA GLY B 128 25.48 10.03 1.52
C GLY B 128 25.79 8.68 0.89
N ILE B 129 25.62 7.59 1.66
CA ILE B 129 25.88 6.23 1.15
C ILE B 129 25.09 5.96 -0.11
N LEU B 130 23.87 6.46 -0.17
CA LEU B 130 23.05 6.23 -1.34
C LEU B 130 23.85 6.41 -2.62
N GLN B 131 24.73 7.41 -2.64
CA GLN B 131 25.53 7.64 -3.83
C GLN B 131 26.38 6.39 -4.10
N TYR B 132 26.96 5.81 -3.05
CA TYR B 132 27.76 4.60 -3.19
C TYR B 132 26.86 3.44 -3.62
N LEU B 133 25.82 3.19 -2.83
CA LEU B 133 24.89 2.11 -3.09
C LEU B 133 24.30 2.13 -4.49
N ASN B 134 24.26 3.30 -5.11
CA ASN B 134 23.70 3.36 -6.44
C ASN B 134 24.79 3.25 -7.49
N ASP B 135 25.99 3.65 -7.11
CA ASP B 135 27.16 3.62 -7.98
C ASP B 135 27.02 2.83 -9.28
N LYS B 136 26.83 1.50 -9.18
CA LYS B 136 26.67 0.62 -10.36
C LYS B 136 27.98 0.13 -11.00
N SER B 137 29.12 0.42 -10.40
CA SER B 137 30.38 -0.03 -10.96
C SER B 137 31.23 -0.80 -9.94
N THR B 138 30.86 -0.71 -8.67
CA THR B 138 31.57 -1.41 -7.59
C THR B 138 31.47 -2.92 -7.75
N GLY B 139 30.72 -3.36 -8.77
CA GLY B 139 30.55 -4.78 -9.00
C GLY B 139 29.65 -5.35 -7.94
N LYS B 140 28.96 -4.45 -7.24
CA LYS B 140 28.07 -4.85 -6.17
C LYS B 140 26.62 -4.50 -6.49
N CYS B 141 25.72 -5.46 -6.31
CA CYS B 141 24.30 -5.24 -6.55
C CYS B 141 23.69 -4.68 -5.29
N ASN B 142 23.07 -3.50 -5.41
CA ASN B 142 22.42 -2.88 -4.27
C ASN B 142 21.05 -2.40 -4.65
N THR B 143 20.43 -3.11 -5.60
CA THR B 143 19.09 -2.77 -6.09
C THR B 143 18.07 -2.65 -4.97
N PHE B 144 18.07 -3.60 -4.04
CA PHE B 144 17.14 -3.53 -2.93
C PHE B 144 17.64 -2.63 -1.81
N LEU B 145 18.88 -2.86 -1.38
CA LEU B 145 19.50 -2.10 -0.28
C LEU B 145 19.34 -0.60 -0.44
N ASP B 146 19.62 -0.14 -1.65
CA ASP B 146 19.50 1.27 -1.97
C ASP B 146 18.20 1.81 -1.41
N ASP B 147 17.09 1.22 -1.87
CA ASP B 147 15.76 1.60 -1.46
C ASP B 147 15.47 1.39 0.02
N ILE B 148 15.96 0.31 0.60
CA ILE B 148 15.61 0.09 1.99
C ILE B 148 16.34 1.03 2.94
N VAL B 149 17.56 1.43 2.59
CA VAL B 149 18.34 2.37 3.41
C VAL B 149 17.57 3.71 3.32
N GLY B 150 17.19 4.07 2.10
CA GLY B 150 16.42 5.27 1.89
C GLY B 150 15.16 5.21 2.72
N ALA B 151 14.45 4.08 2.67
CA ALA B 151 13.21 3.94 3.44
C ALA B 151 13.40 4.11 4.95
N ILE B 152 14.44 3.49 5.50
CA ILE B 152 14.72 3.60 6.92
C ILE B 152 14.97 5.06 7.29
N ALA B 153 15.90 5.70 6.60
CA ALA B 153 16.21 7.08 6.90
C ALA B 153 14.93 7.87 6.93
N ALA B 154 14.01 7.52 6.02
CA ALA B 154 12.77 8.27 5.91
C ALA B 154 11.78 7.98 7.01
N ALA B 155 11.84 6.77 7.55
CA ALA B 155 10.95 6.35 8.63
C ALA B 155 11.50 6.97 9.90
N ALA B 156 12.83 6.92 10.02
CA ALA B 156 13.51 7.52 11.16
C ALA B 156 13.07 8.99 11.17
N SER B 157 13.24 9.62 10.01
CA SER B 157 12.89 11.01 9.80
C SER B 157 11.48 11.28 10.30
N SER B 158 10.55 10.44 9.88
CA SER B 158 9.17 10.61 10.29
C SER B 158 9.04 10.50 11.80
N ARG B 159 9.76 9.55 12.40
CA ARG B 159 9.70 9.37 13.85
C ARG B 159 10.22 10.60 14.56
N LEU B 160 11.40 11.07 14.14
CA LEU B 160 11.99 12.26 14.71
C LEU B 160 10.93 13.36 14.70
N ALA B 161 10.27 13.55 13.56
CA ALA B 161 9.23 14.55 13.44
C ALA B 161 8.10 14.30 14.46
N HIS B 162 7.42 13.17 14.34
CA HIS B 162 6.33 12.84 15.25
C HIS B 162 6.64 13.28 16.67
N ARG B 163 7.92 13.21 17.04
CA ARG B 163 8.36 13.59 18.39
C ARG B 163 8.58 15.08 18.60
N ALA B 164 9.33 15.70 17.71
CA ALA B 164 9.63 17.13 17.82
C ALA B 164 8.36 17.96 17.79
N SER C 5 17.67 2.40 -21.13
CA SER C 5 18.13 1.71 -19.89
C SER C 5 17.81 0.24 -19.98
N GLU C 6 17.93 -0.43 -18.84
CA GLU C 6 17.62 -1.85 -18.74
C GLU C 6 16.15 -1.86 -18.38
N PHE C 7 15.43 -0.85 -18.83
CA PHE C 7 14.01 -0.80 -18.60
C PHE C 7 13.59 -1.83 -19.63
N ILE C 8 14.40 -1.85 -20.66
CA ILE C 8 14.24 -2.72 -21.80
C ILE C 8 13.25 -3.88 -21.67
N MSE C 9 13.42 -4.73 -20.67
CA MSE C 9 12.55 -5.91 -20.56
C MSE C 9 11.11 -5.68 -20.97
O MSE C 9 10.38 -4.95 -20.32
CB MSE C 9 12.60 -6.46 -19.13
CG MSE C 9 13.99 -6.97 -18.78
SE MSE C 9 14.20 -8.89 -19.05
CE MSE C 9 15.25 -9.30 -17.49
N ASN C 10 10.72 -6.30 -22.09
CA ASN C 10 9.34 -6.21 -22.59
C ASN C 10 8.44 -7.10 -21.74
N ASN C 11 7.24 -7.41 -22.21
CA ASN C 11 6.34 -8.22 -21.41
C ASN C 11 6.89 -9.59 -21.00
N LEU C 12 6.76 -9.91 -19.73
CA LEU C 12 7.25 -11.17 -19.20
C LEU C 12 6.08 -12.12 -18.93
N GLU C 13 4.92 -11.75 -19.46
CA GLU C 13 3.68 -12.53 -19.32
C GLU C 13 3.82 -14.03 -19.58
N GLN C 14 4.51 -14.38 -20.66
CA GLN C 14 4.75 -15.77 -21.03
C GLN C 14 5.65 -16.50 -20.01
N THR C 15 6.69 -15.81 -19.53
CA THR C 15 7.61 -16.41 -18.57
C THR C 15 6.93 -16.55 -17.22
N ALA C 16 6.16 -15.53 -16.86
CA ALA C 16 5.44 -15.54 -15.61
C ALA C 16 4.56 -16.80 -15.59
N ARG C 17 3.91 -17.04 -16.73
CA ARG C 17 3.03 -18.18 -16.92
C ARG C 17 3.76 -19.50 -16.65
N ARG C 18 4.88 -19.70 -17.34
CA ARG C 18 5.66 -20.92 -17.17
C ARG C 18 6.08 -21.18 -15.72
N TRP C 19 6.66 -20.18 -15.08
CA TRP C 19 7.08 -20.32 -13.67
C TRP C 19 5.92 -20.83 -12.83
N LEU C 20 4.71 -20.31 -13.09
CA LEU C 20 3.51 -20.70 -12.37
C LEU C 20 3.19 -22.20 -12.60
N GLU C 21 3.16 -22.59 -13.87
CA GLU C 21 2.89 -23.96 -14.27
C GLU C 21 3.93 -24.87 -13.65
N GLU C 22 5.20 -24.54 -13.88
CA GLU C 22 6.31 -25.32 -13.34
C GLU C 22 6.19 -25.50 -11.83
N ARG C 23 5.32 -24.73 -11.22
CA ARG C 23 5.15 -24.85 -9.78
C ARG C 23 3.75 -25.40 -9.52
N GLY C 24 3.22 -26.07 -10.54
CA GLY C 24 1.91 -26.70 -10.46
C GLY C 24 0.71 -25.79 -10.43
N VAL C 25 0.80 -24.65 -11.11
CA VAL C 25 -0.33 -23.74 -11.13
C VAL C 25 -0.61 -23.32 -12.54
N THR C 26 -1.83 -23.57 -13.01
CA THR C 26 -2.23 -23.16 -14.37
C THR C 26 -3.12 -21.94 -14.33
N VAL C 27 -3.30 -21.30 -15.47
CA VAL C 27 -4.16 -20.14 -15.51
C VAL C 27 -5.57 -20.61 -15.21
N GLU C 28 -5.90 -21.82 -15.69
CA GLU C 28 -7.20 -22.46 -15.50
C GLU C 28 -7.52 -22.66 -14.01
N LYS C 29 -6.58 -23.22 -13.26
CA LYS C 29 -6.76 -23.44 -11.82
C LYS C 29 -7.02 -22.09 -11.14
N ILE C 30 -6.28 -21.06 -11.53
CA ILE C 30 -6.50 -19.75 -10.92
C ILE C 30 -7.86 -19.22 -11.36
N ALA C 31 -8.22 -19.43 -12.62
CA ALA C 31 -9.52 -18.98 -13.12
C ALA C 31 -10.67 -19.57 -12.27
N GLU C 32 -10.59 -20.87 -11.98
CA GLU C 32 -11.60 -21.53 -11.16
C GLU C 32 -11.86 -20.79 -9.86
N LEU C 33 -10.80 -20.21 -9.27
CA LEU C 33 -10.94 -19.47 -8.04
C LEU C 33 -11.68 -18.19 -8.33
N VAL C 34 -11.48 -17.66 -9.53
CA VAL C 34 -12.16 -16.43 -9.90
C VAL C 34 -13.65 -16.71 -10.03
N TYR C 35 -13.98 -17.90 -10.54
CA TYR C 35 -15.37 -18.30 -10.69
C TYR C 35 -15.98 -18.43 -9.30
N TYR C 36 -15.27 -19.15 -8.44
CA TYR C 36 -15.69 -19.37 -7.07
C TYR C 36 -16.01 -18.04 -6.36
N LEU C 37 -15.37 -16.94 -6.75
CA LEU C 37 -15.61 -15.65 -6.11
C LEU C 37 -16.64 -14.75 -6.80
N GLN C 38 -16.89 -14.99 -8.09
CA GLN C 38 -17.85 -14.15 -8.81
C GLN C 38 -19.10 -14.87 -9.32
N SER C 39 -18.99 -16.19 -9.50
CA SER C 39 -20.06 -17.05 -9.99
C SER C 39 -21.41 -16.72 -9.34
N LYS C 40 -21.34 -16.49 -8.03
CA LYS C 40 -22.49 -16.17 -7.20
C LYS C 40 -23.09 -14.80 -7.50
N TYR C 41 -22.30 -13.88 -8.05
CA TYR C 41 -22.80 -12.55 -8.31
C TYR C 41 -23.11 -12.30 -9.78
N HIS C 42 -22.72 -13.24 -10.63
CA HIS C 42 -22.97 -13.10 -12.05
C HIS C 42 -23.66 -14.36 -12.58
N PRO C 43 -24.84 -14.18 -13.17
CA PRO C 43 -25.69 -15.23 -13.74
C PRO C 43 -24.97 -16.34 -14.48
N ASP C 44 -24.80 -16.13 -15.78
CA ASP C 44 -24.14 -17.11 -16.61
C ASP C 44 -22.66 -16.79 -16.82
N LEU C 45 -21.97 -16.57 -15.70
CA LEU C 45 -20.53 -16.28 -15.74
C LEU C 45 -19.86 -17.54 -16.24
N THR C 46 -19.13 -17.42 -17.34
CA THR C 46 -18.45 -18.56 -17.94
C THR C 46 -17.00 -18.67 -17.51
N MSE C 47 -16.39 -19.83 -17.76
CA MSE C 47 -15.00 -20.06 -17.41
C MSE C 47 -14.10 -19.31 -18.37
O MSE C 47 -12.97 -18.93 -18.03
CB MSE C 47 -14.67 -21.54 -17.47
CG MSE C 47 -14.96 -22.28 -16.18
SE MSE C 47 -13.92 -21.59 -14.70
CE MSE C 47 -12.18 -22.32 -15.17
N GLU C 48 -14.60 -19.09 -19.57
CA GLU C 48 -13.83 -18.35 -20.54
C GLU C 48 -13.59 -16.98 -19.93
N GLU C 49 -14.67 -16.38 -19.39
CA GLU C 49 -14.64 -15.06 -18.75
C GLU C 49 -13.61 -15.02 -17.62
N CYS C 50 -13.51 -16.11 -16.88
CA CYS C 50 -12.59 -16.16 -15.78
C CYS C 50 -11.16 -16.16 -16.26
N ILE C 51 -10.86 -17.05 -17.20
CA ILE C 51 -9.51 -17.16 -17.77
C ILE C 51 -9.07 -15.84 -18.42
N GLU C 52 -9.99 -15.11 -19.03
CA GLU C 52 -9.63 -13.85 -19.65
C GLU C 52 -9.04 -12.96 -18.59
N ASN C 53 -9.87 -12.65 -17.58
CA ASN C 53 -9.45 -11.80 -16.48
C ASN C 53 -8.17 -12.29 -15.85
N VAL C 54 -8.08 -13.59 -15.59
CA VAL C 54 -6.86 -14.10 -15.00
C VAL C 54 -5.70 -13.79 -15.92
N ASN C 55 -5.89 -13.93 -17.22
CA ASN C 55 -4.84 -13.61 -18.18
C ASN C 55 -4.52 -12.12 -18.25
N ARG C 56 -5.55 -11.26 -18.18
CA ARG C 56 -5.32 -9.82 -18.23
C ARG C 56 -4.43 -9.43 -17.06
N VAL C 57 -4.78 -9.90 -15.88
CA VAL C 57 -3.99 -9.62 -14.72
C VAL C 57 -2.55 -10.10 -14.94
N ILE C 58 -2.38 -11.40 -15.11
CA ILE C 58 -1.06 -11.97 -15.32
C ILE C 58 -0.25 -11.28 -16.43
N SER C 59 -0.89 -10.47 -17.27
CA SER C 59 -0.16 -9.79 -18.35
C SER C 59 0.50 -8.47 -17.92
N LYS C 60 0.12 -7.96 -16.75
CA LYS C 60 0.67 -6.73 -16.20
C LYS C 60 2.07 -6.96 -15.66
N ARG C 61 3.00 -6.07 -15.96
CA ARG C 61 4.38 -6.18 -15.46
C ARG C 61 4.43 -6.21 -13.92
N GLU C 62 3.64 -5.34 -13.27
CA GLU C 62 3.60 -5.29 -11.81
C GLU C 62 3.43 -6.70 -11.28
N VAL C 63 2.45 -7.40 -11.83
CA VAL C 63 2.17 -8.75 -11.37
C VAL C 63 3.32 -9.66 -11.69
N GLN C 64 3.69 -9.71 -12.95
CA GLN C 64 4.81 -10.57 -13.34
C GLN C 64 5.96 -10.46 -12.36
N ASN C 65 6.39 -9.22 -12.08
CA ASN C 65 7.47 -8.95 -11.15
C ASN C 65 7.29 -9.67 -9.81
N ALA C 66 6.08 -9.60 -9.28
CA ALA C 66 5.77 -10.23 -8.00
C ALA C 66 5.91 -11.75 -8.10
N ILE C 67 5.35 -12.33 -9.15
CA ILE C 67 5.38 -13.76 -9.38
C ILE C 67 6.81 -14.30 -9.46
N LEU C 68 7.66 -13.68 -10.27
CA LEU C 68 9.02 -14.16 -10.39
C LEU C 68 9.77 -14.10 -9.06
N THR C 69 9.57 -13.01 -8.32
CA THR C 69 10.29 -12.87 -7.08
C THR C 69 9.81 -13.86 -6.03
N GLY C 70 8.49 -13.92 -5.86
CA GLY C 70 7.90 -14.81 -4.89
C GLY C 70 8.26 -16.27 -5.12
N ILE C 71 8.09 -16.72 -6.35
CA ILE C 71 8.41 -18.10 -6.69
C ILE C 71 9.90 -18.39 -6.45
N GLN C 72 10.76 -17.49 -6.96
CA GLN C 72 12.21 -17.58 -6.82
C GLN C 72 12.62 -17.90 -5.37
N LEU C 73 12.07 -17.13 -4.41
CA LEU C 73 12.39 -17.34 -2.99
C LEU C 73 11.92 -18.71 -2.49
N ASP C 74 10.70 -19.08 -2.89
CA ASP C 74 10.09 -20.36 -2.54
C ASP C 74 11.05 -21.49 -2.97
N LYS C 75 11.56 -21.37 -4.19
CA LYS C 75 12.48 -22.35 -4.77
C LYS C 75 13.78 -22.43 -3.99
N LEU C 76 14.47 -21.29 -3.86
CA LEU C 76 15.72 -21.25 -3.13
C LEU C 76 15.50 -21.80 -1.72
N ALA C 77 14.36 -21.48 -1.12
CA ALA C 77 14.08 -21.98 0.21
C ALA C 77 13.96 -23.51 0.25
N GLU C 78 13.14 -24.12 -0.60
CA GLU C 78 13.00 -25.56 -0.55
C GLU C 78 14.27 -26.27 -0.95
N ASP C 79 15.17 -25.58 -1.64
CA ASP C 79 16.44 -26.16 -2.06
C ASP C 79 17.47 -25.82 -1.02
N GLY C 80 17.02 -25.18 0.07
CA GLY C 80 17.90 -24.77 1.16
C GLY C 80 19.09 -23.94 0.72
N ARG C 81 18.86 -22.99 -0.19
CA ARG C 81 19.93 -22.16 -0.71
C ARG C 81 19.96 -20.73 -0.19
N LEU C 82 19.02 -20.38 0.68
CA LEU C 82 18.99 -19.02 1.21
C LEU C 82 19.93 -18.99 2.41
N ASP C 83 20.10 -17.82 3.01
CA ASP C 83 20.96 -17.67 4.19
C ASP C 83 20.16 -17.65 5.48
N GLU C 84 20.66 -18.33 6.50
CA GLU C 84 19.96 -18.36 7.77
C GLU C 84 20.07 -16.97 8.37
N PRO C 85 19.06 -16.53 9.14
CA PRO C 85 17.83 -17.26 9.47
C PRO C 85 16.69 -17.11 8.44
N LEU C 86 16.89 -16.27 7.40
CA LEU C 86 15.87 -16.05 6.35
C LEU C 86 15.40 -17.38 5.77
N GLN C 87 16.37 -18.25 5.51
CA GLN C 87 16.14 -19.59 5.00
C GLN C 87 15.04 -20.31 5.78
N SER C 88 15.19 -20.42 7.09
CA SER C 88 14.15 -21.10 7.83
C SER C 88 12.88 -20.26 7.90
N ILE C 89 13.01 -18.96 8.10
CA ILE C 89 11.83 -18.12 8.18
C ILE C 89 10.91 -18.32 6.97
N ILE C 90 11.50 -18.30 5.76
CA ILE C 90 10.70 -18.47 4.55
C ILE C 90 10.21 -19.92 4.38
N ARG C 91 11.11 -20.87 4.61
CA ARG C 91 10.80 -22.29 4.49
C ARG C 91 9.67 -22.71 5.43
N ARG C 92 9.70 -22.19 6.65
CA ARG C 92 8.69 -22.51 7.64
C ARG C 92 7.44 -21.65 7.52
N ASP C 93 7.43 -20.78 6.52
CA ASP C 93 6.28 -19.90 6.34
C ASP C 93 5.93 -19.13 7.65
N GLU C 94 6.93 -18.64 8.35
CA GLU C 94 6.70 -17.90 9.58
C GLU C 94 5.61 -16.83 9.49
N GLY C 95 4.52 -17.05 10.21
CA GLY C 95 3.43 -16.09 10.21
C GLY C 95 3.77 -14.64 10.51
N LEU C 96 4.81 -14.39 11.31
CA LEU C 96 5.17 -13.02 11.63
C LEU C 96 6.05 -12.35 10.58
N TYR C 97 6.36 -13.10 9.52
CA TYR C 97 7.16 -12.62 8.38
C TYR C 97 6.10 -12.31 7.33
N GLY C 98 5.91 -11.03 6.98
CA GLY C 98 4.88 -10.65 6.03
C GLY C 98 5.27 -10.11 4.66
N VAL C 99 6.50 -10.39 4.24
CA VAL C 99 6.97 -9.93 2.96
C VAL C 99 6.18 -10.56 1.84
N ASP C 100 5.63 -11.75 2.09
CA ASP C 100 4.82 -12.44 1.07
C ASP C 100 3.47 -11.78 1.01
N GLU C 101 3.01 -11.30 2.17
CA GLU C 101 1.73 -10.62 2.22
C GLU C 101 1.89 -9.37 1.34
N ILE C 102 3.05 -8.73 1.50
CA ILE C 102 3.46 -7.55 0.77
C ILE C 102 3.39 -7.73 -0.75
N LEU C 103 4.05 -8.75 -1.27
CA LEU C 103 4.04 -9.00 -2.71
C LEU C 103 2.65 -9.24 -3.25
N ALA C 104 1.87 -9.99 -2.50
CA ALA C 104 0.49 -10.31 -2.87
C ALA C 104 -0.34 -9.03 -2.96
N LEU C 105 -0.33 -8.20 -1.91
CA LEU C 105 -1.11 -6.96 -1.94
C LEU C 105 -0.70 -6.17 -3.15
N SER C 106 0.55 -6.37 -3.57
CA SER C 106 1.12 -5.73 -4.75
C SER C 106 0.26 -6.09 -5.96
N ILE C 107 0.03 -7.39 -6.11
CA ILE C 107 -0.78 -7.89 -7.21
C ILE C 107 -2.21 -7.38 -7.15
N VAL C 108 -2.79 -7.41 -5.95
CA VAL C 108 -4.16 -6.97 -5.75
C VAL C 108 -4.41 -5.56 -6.25
N ASN C 109 -3.58 -4.61 -5.80
CA ASN C 109 -3.72 -3.20 -6.19
C ASN C 109 -3.72 -2.89 -7.67
N VAL C 110 -3.25 -3.82 -8.49
CA VAL C 110 -3.27 -3.56 -9.92
C VAL C 110 -4.71 -3.30 -10.32
N TYR C 111 -5.68 -3.85 -9.58
CA TYR C 111 -7.07 -3.61 -9.94
C TYR C 111 -7.97 -3.01 -8.90
N GLY C 112 -7.52 -1.91 -8.29
CA GLY C 112 -8.33 -1.25 -7.30
C GLY C 112 -8.28 -1.85 -5.93
N SER C 113 -9.19 -1.39 -5.07
CA SER C 113 -9.29 -1.84 -3.69
C SER C 113 -10.39 -2.88 -3.48
N ILE C 114 -11.21 -3.08 -4.49
CA ILE C 114 -12.30 -4.06 -4.44
C ILE C 114 -11.77 -5.50 -4.22
N GLY C 115 -10.50 -5.70 -4.58
CA GLY C 115 -9.88 -7.01 -4.44
C GLY C 115 -9.49 -7.40 -3.03
N PHE C 116 -9.25 -6.41 -2.16
CA PHE C 116 -8.88 -6.67 -0.77
C PHE C 116 -9.84 -7.62 -0.05
N THR C 117 -11.11 -7.51 -0.37
CA THR C 117 -12.11 -8.36 0.25
C THR C 117 -12.02 -9.81 -0.23
N ASN C 118 -11.75 -10.03 -1.52
CA ASN C 118 -11.65 -11.39 -2.05
C ASN C 118 -10.33 -12.01 -1.71
N TYR C 119 -9.29 -11.19 -1.64
CA TYR C 119 -8.00 -11.75 -1.32
C TYR C 119 -8.10 -12.42 0.05
N GLY C 120 -8.66 -11.70 1.01
CA GLY C 120 -8.82 -12.26 2.34
C GLY C 120 -9.72 -13.48 2.25
N TYR C 121 -10.92 -13.29 1.72
CA TYR C 121 -11.87 -14.38 1.58
C TYR C 121 -11.29 -15.69 0.99
N ILE C 122 -10.89 -15.72 -0.29
CA ILE C 122 -10.34 -16.97 -0.84
C ILE C 122 -9.12 -17.40 -0.06
N ASP C 123 -8.51 -16.48 0.67
CA ASP C 123 -7.34 -16.84 1.43
C ASP C 123 -7.71 -17.86 2.49
N LYS C 124 -8.86 -17.63 3.13
CA LYS C 124 -9.33 -18.52 4.18
C LYS C 124 -10.08 -19.75 3.66
N GLN C 125 -10.82 -19.59 2.57
CA GLN C 125 -11.54 -20.71 2.00
C GLN C 125 -10.55 -21.70 1.40
N LYS C 126 -9.44 -21.19 0.88
CA LYS C 126 -8.41 -22.02 0.28
C LYS C 126 -8.98 -23.12 -0.62
N PRO C 127 -9.67 -22.74 -1.71
CA PRO C 127 -10.24 -23.75 -2.62
C PRO C 127 -9.23 -24.17 -3.69
N GLY C 128 -9.56 -25.22 -4.43
CA GLY C 128 -8.70 -25.67 -5.52
C GLY C 128 -7.22 -25.84 -5.20
N ILE C 129 -6.35 -25.42 -6.12
CA ILE C 129 -4.89 -25.57 -5.89
C ILE C 129 -4.48 -24.95 -4.58
N LEU C 130 -5.27 -24.01 -4.06
CA LEU C 130 -4.90 -23.41 -2.79
C LEU C 130 -4.75 -24.48 -1.68
N GLN C 131 -5.41 -25.62 -1.87
CA GLN C 131 -5.28 -26.74 -0.93
C GLN C 131 -3.89 -27.37 -1.12
N TYR C 132 -3.50 -27.59 -2.38
CA TYR C 132 -2.20 -28.18 -2.71
C TYR C 132 -1.09 -27.25 -2.26
N LEU C 133 -1.22 -25.98 -2.63
CA LEU C 133 -0.22 -24.98 -2.29
C LEU C 133 -0.06 -24.75 -0.81
N ASN C 134 -1.16 -24.79 -0.08
CA ASN C 134 -1.10 -24.54 1.36
C ASN C 134 -0.79 -25.79 2.19
N ASP C 135 -0.69 -26.96 1.56
CA ASP C 135 -0.47 -28.20 2.31
C ASP C 135 0.56 -28.22 3.43
N LYS C 136 1.82 -27.95 3.10
CA LYS C 136 2.89 -27.94 4.12
C LYS C 136 3.49 -29.31 4.40
N SER C 137 3.22 -30.30 3.56
CA SER C 137 3.76 -31.63 3.80
C SER C 137 3.92 -32.34 2.47
N THR C 138 4.22 -31.56 1.45
CA THR C 138 4.41 -32.06 0.09
C THR C 138 5.89 -31.92 -0.14
N GLY C 139 6.54 -31.34 0.87
CA GLY C 139 7.97 -31.11 0.78
C GLY C 139 8.30 -29.97 -0.17
N LYS C 140 7.26 -29.22 -0.53
CA LYS C 140 7.41 -28.08 -1.43
C LYS C 140 7.12 -26.76 -0.69
N CYS C 141 7.98 -25.77 -0.89
CA CYS C 141 7.76 -24.47 -0.27
C CYS C 141 6.91 -23.56 -1.18
N ASN C 142 5.75 -23.15 -0.67
CA ASN C 142 4.88 -22.26 -1.43
C ASN C 142 4.54 -21.10 -0.50
N THR C 143 5.49 -20.70 0.33
CA THR C 143 5.29 -19.59 1.24
C THR C 143 4.79 -18.36 0.49
N PHE C 144 5.38 -18.10 -0.68
CA PHE C 144 4.98 -16.93 -1.49
C PHE C 144 3.88 -17.20 -2.51
N LEU C 145 4.01 -18.29 -3.26
CA LEU C 145 3.02 -18.62 -4.29
C LEU C 145 1.63 -18.72 -3.71
N ASP C 146 1.56 -19.16 -2.46
CA ASP C 146 0.29 -19.29 -1.78
C ASP C 146 -0.49 -17.98 -1.88
N ASP C 147 0.06 -16.91 -1.28
CA ASP C 147 -0.56 -15.58 -1.29
C ASP C 147 -0.72 -15.04 -2.71
N ILE C 148 0.29 -15.27 -3.54
CA ILE C 148 0.32 -14.83 -4.92
C ILE C 148 -0.84 -15.32 -5.78
N VAL C 149 -1.22 -16.58 -5.64
CA VAL C 149 -2.32 -17.12 -6.45
C VAL C 149 -3.63 -16.58 -5.90
N GLY C 150 -3.71 -16.50 -4.57
CA GLY C 150 -4.88 -15.95 -3.92
C GLY C 150 -5.03 -14.51 -4.38
N ALA C 151 -3.92 -13.81 -4.47
CA ALA C 151 -3.98 -12.44 -4.92
C ALA C 151 -4.37 -12.33 -6.39
N ILE C 152 -3.81 -13.20 -7.22
CA ILE C 152 -4.12 -13.14 -8.65
C ILE C 152 -5.61 -13.33 -8.89
N ALA C 153 -6.20 -14.24 -8.12
CA ALA C 153 -7.61 -14.52 -8.25
C ALA C 153 -8.38 -13.25 -7.89
N ALA C 154 -8.07 -12.70 -6.74
CA ALA C 154 -8.73 -11.49 -6.24
C ALA C 154 -8.72 -10.34 -7.22
N ALA C 155 -7.58 -10.11 -7.84
CA ALA C 155 -7.41 -9.03 -8.80
C ALA C 155 -8.28 -9.25 -10.04
N ALA C 156 -8.23 -10.45 -10.60
CA ALA C 156 -9.01 -10.81 -11.78
C ALA C 156 -10.51 -10.67 -11.45
N SER C 157 -10.84 -11.02 -10.22
CA SER C 157 -12.21 -10.96 -9.74
C SER C 157 -12.62 -9.50 -9.68
N SER C 158 -11.69 -8.66 -9.24
CA SER C 158 -11.93 -7.23 -9.12
C SER C 158 -12.06 -6.68 -10.51
N ARG C 159 -11.19 -7.15 -11.40
CA ARG C 159 -11.21 -6.71 -12.79
C ARG C 159 -12.55 -7.07 -13.39
N LEU C 160 -13.00 -8.29 -13.13
CA LEU C 160 -14.26 -8.76 -13.65
C LEU C 160 -15.44 -7.87 -13.24
N ALA C 161 -15.38 -7.28 -12.05
CA ALA C 161 -16.44 -6.39 -11.62
C ALA C 161 -16.38 -5.14 -12.51
N HIS C 162 -15.31 -4.36 -12.41
CA HIS C 162 -15.18 -3.16 -13.23
C HIS C 162 -15.66 -3.38 -14.65
N ARG C 163 -15.32 -4.53 -15.21
CA ARG C 163 -15.74 -4.90 -16.56
C ARG C 163 -17.01 -5.71 -16.42
N ALA C 164 -18.10 -5.02 -16.15
CA ALA C 164 -19.41 -5.63 -16.00
C ALA C 164 -20.38 -4.48 -16.09
N ALA C 165 -19.90 -3.32 -15.62
CA ALA C 165 -20.66 -2.09 -15.64
C ALA C 165 -20.53 -1.51 -17.05
N ASN D 11 -5.06 15.81 21.71
CA ASN D 11 -6.49 16.17 21.46
C ASN D 11 -7.13 15.19 20.48
N LEU D 12 -6.38 14.18 20.06
CA LEU D 12 -6.91 13.21 19.12
C LEU D 12 -7.32 11.89 19.76
N GLU D 13 -6.36 11.13 20.29
CA GLU D 13 -6.68 9.84 20.92
C GLU D 13 -8.12 9.91 21.46
N GLN D 14 -8.42 11.01 22.14
CA GLN D 14 -9.74 11.25 22.73
C GLN D 14 -10.86 11.38 21.68
N THR D 15 -11.02 12.58 21.13
CA THR D 15 -12.05 12.85 20.12
C THR D 15 -12.45 11.57 19.41
N ALA D 16 -11.46 10.77 19.01
CA ALA D 16 -11.68 9.53 18.31
C ALA D 16 -12.75 8.64 18.91
N ARG D 17 -12.55 8.21 20.15
CA ARG D 17 -13.50 7.32 20.85
C ARG D 17 -14.91 7.90 21.00
N ARG D 18 -15.03 9.20 21.25
CA ARG D 18 -16.36 9.79 21.40
C ARG D 18 -17.02 9.89 20.03
N TRP D 19 -16.21 10.05 18.98
CA TRP D 19 -16.74 10.13 17.63
C TRP D 19 -17.16 8.72 17.27
N LEU D 20 -16.32 7.76 17.65
CA LEU D 20 -16.61 6.35 17.40
C LEU D 20 -17.93 6.04 18.09
N GLU D 21 -17.99 6.36 19.38
CA GLU D 21 -19.20 6.12 20.16
C GLU D 21 -20.38 6.93 19.62
N GLU D 22 -20.16 8.22 19.41
CA GLU D 22 -21.20 9.11 18.88
C GLU D 22 -22.04 8.47 17.77
N ARG D 23 -21.47 7.53 17.03
CA ARG D 23 -22.21 6.87 15.95
C ARG D 23 -22.83 5.54 16.38
N GLY D 24 -22.16 4.83 17.28
CA GLY D 24 -22.69 3.56 17.75
C GLY D 24 -21.69 2.44 17.85
N VAL D 25 -20.41 2.80 17.85
CA VAL D 25 -19.35 1.82 17.93
C VAL D 25 -18.55 2.00 19.22
N THR D 26 -18.22 0.88 19.87
CA THR D 26 -17.45 0.94 21.10
C THR D 26 -16.24 0.02 21.08
N VAL D 27 -15.20 0.44 21.79
CA VAL D 27 -13.97 -0.33 21.90
C VAL D 27 -14.33 -1.77 22.31
N GLU D 28 -15.59 -1.97 22.68
CA GLU D 28 -16.08 -3.28 23.10
C GLU D 28 -16.42 -4.19 21.93
N LYS D 29 -17.40 -3.79 21.12
CA LYS D 29 -17.79 -4.59 19.98
C LYS D 29 -16.60 -4.76 19.03
N ILE D 30 -15.76 -3.73 18.98
CA ILE D 30 -14.57 -3.79 18.16
C ILE D 30 -13.78 -5.00 18.66
N ALA D 31 -13.57 -5.06 19.96
CA ALA D 31 -12.83 -6.17 20.57
C ALA D 31 -13.53 -7.51 20.35
N GLU D 32 -14.86 -7.50 20.35
CA GLU D 32 -15.61 -8.73 20.13
C GLU D 32 -15.25 -9.32 18.78
N LEU D 33 -14.76 -8.46 17.89
CA LEU D 33 -14.36 -8.85 16.55
C LEU D 33 -12.96 -9.44 16.58
N VAL D 34 -12.03 -8.73 17.23
CA VAL D 34 -10.66 -9.21 17.34
C VAL D 34 -10.69 -10.58 18.02
N TYR D 35 -11.68 -10.77 18.89
CA TYR D 35 -11.82 -12.03 19.57
C TYR D 35 -12.20 -13.12 18.59
N TYR D 36 -13.02 -12.76 17.60
CA TYR D 36 -13.46 -13.71 16.60
C TYR D 36 -12.33 -14.17 15.66
N LEU D 37 -11.48 -13.22 15.27
CA LEU D 37 -10.36 -13.45 14.38
C LEU D 37 -9.27 -14.34 14.97
N GLN D 38 -9.19 -14.40 16.30
CA GLN D 38 -8.17 -15.21 16.96
C GLN D 38 -8.67 -16.05 18.13
N SER D 39 -9.98 -16.27 18.18
CA SER D 39 -10.58 -17.08 19.25
C SER D 39 -10.14 -18.52 19.07
N LYS D 40 -10.17 -18.97 17.82
CA LYS D 40 -9.79 -20.32 17.47
C LYS D 40 -8.29 -20.59 17.68
N TYR D 41 -7.48 -19.54 17.54
CA TYR D 41 -6.02 -19.69 17.68
C TYR D 41 -5.51 -19.37 19.08
N HIS D 42 -6.29 -18.62 19.84
CA HIS D 42 -5.91 -18.26 21.21
C HIS D 42 -7.07 -18.48 22.19
N PRO D 43 -7.64 -19.70 22.24
CA PRO D 43 -8.75 -20.03 23.15
C PRO D 43 -8.41 -19.61 24.57
N ASP D 44 -7.10 -19.60 24.85
CA ASP D 44 -6.58 -19.22 26.16
C ASP D 44 -6.34 -17.72 26.13
N LEU D 45 -7.40 -16.95 26.38
CA LEU D 45 -7.27 -15.49 26.37
C LEU D 45 -8.51 -14.80 26.92
N THR D 46 -8.28 -13.59 27.45
CA THR D 46 -9.33 -12.77 28.05
C THR D 46 -9.93 -11.78 27.06
N MSE D 47 -11.23 -11.51 27.22
CA MSE D 47 -11.92 -10.56 26.36
C MSE D 47 -11.29 -9.20 26.64
O MSE D 47 -11.44 -8.27 25.87
CB MSE D 47 -13.42 -10.53 26.68
CG MSE D 47 -14.22 -9.51 25.87
SE MSE D 47 -14.37 -9.86 23.97
CE MSE D 47 -15.80 -11.16 24.02
N GLU D 48 -10.59 -9.11 27.77
CA GLU D 48 -9.90 -7.88 28.17
C GLU D 48 -8.65 -7.70 27.31
N GLU D 49 -7.99 -8.82 27.03
CA GLU D 49 -6.79 -8.80 26.21
C GLU D 49 -7.20 -8.04 24.95
N CYS D 50 -8.10 -8.66 24.18
CA CYS D 50 -8.62 -8.07 22.95
C CYS D 50 -8.76 -6.57 23.09
N ILE D 51 -9.58 -6.16 24.05
CA ILE D 51 -9.86 -4.75 24.32
C ILE D 51 -8.66 -3.81 24.35
N GLU D 52 -7.56 -4.25 24.96
N GLU D 52 -7.57 -4.26 24.96
CA GLU D 52 -6.38 -3.39 25.05
CA GLU D 52 -6.36 -3.46 25.09
C GLU D 52 -5.63 -3.26 23.72
C GLU D 52 -5.56 -3.31 23.78
N ASN D 53 -5.67 -4.30 22.90
CA ASN D 53 -5.00 -4.25 21.61
C ASN D 53 -5.82 -3.20 20.88
N VAL D 54 -7.13 -3.37 20.92
CA VAL D 54 -8.07 -2.45 20.31
C VAL D 54 -7.76 -1.01 20.81
N ASN D 55 -7.46 -0.88 22.10
CA ASN D 55 -7.14 0.42 22.70
C ASN D 55 -5.85 0.98 22.14
N ARG D 56 -4.88 0.08 21.89
CA ARG D 56 -3.59 0.48 21.35
C ARG D 56 -3.69 0.82 19.87
N VAL D 57 -4.61 0.16 19.16
CA VAL D 57 -4.81 0.42 17.75
C VAL D 57 -5.31 1.86 17.65
N ILE D 58 -6.40 2.11 18.38
CA ILE D 58 -7.03 3.42 18.40
C ILE D 58 -6.14 4.46 19.04
N SER D 59 -5.10 4.01 19.72
CA SER D 59 -4.17 4.91 20.38
C SER D 59 -3.15 5.52 19.41
N LYS D 60 -2.97 4.91 18.23
CA LYS D 60 -2.01 5.42 17.24
C LYS D 60 -2.61 6.48 16.33
N ARG D 61 -1.92 7.61 16.22
CA ARG D 61 -2.34 8.76 15.42
C ARG D 61 -2.89 8.47 14.02
N GLU D 62 -2.06 7.86 13.17
CA GLU D 62 -2.47 7.54 11.81
C GLU D 62 -3.88 6.96 11.76
N VAL D 63 -4.21 6.13 12.75
CA VAL D 63 -5.53 5.52 12.82
C VAL D 63 -6.56 6.56 13.23
N GLN D 64 -6.23 7.35 14.24
CA GLN D 64 -7.12 8.38 14.71
C GLN D 64 -7.30 9.40 13.59
N ASN D 65 -6.18 9.74 12.97
CA ASN D 65 -6.10 10.69 11.86
C ASN D 65 -7.12 10.32 10.76
N ALA D 66 -7.50 9.04 10.71
CA ALA D 66 -8.45 8.53 9.72
C ALA D 66 -9.88 8.58 10.23
N ILE D 67 -10.16 7.80 11.27
CA ILE D 67 -11.49 7.72 11.89
C ILE D 67 -12.22 9.06 11.77
N LEU D 68 -11.51 10.14 12.09
CA LEU D 68 -12.10 11.48 12.00
C LEU D 68 -12.53 11.72 10.57
N THR D 69 -11.57 11.58 9.66
CA THR D 69 -11.80 11.78 8.24
C THR D 69 -12.91 10.82 7.78
N GLY D 70 -12.76 9.55 8.13
CA GLY D 70 -13.74 8.55 7.75
C GLY D 70 -15.17 8.89 8.14
N ILE D 71 -15.44 8.95 9.45
CA ILE D 71 -16.77 9.26 9.94
C ILE D 71 -17.24 10.66 9.53
N GLN D 72 -16.30 11.59 9.43
CA GLN D 72 -16.60 12.96 9.02
C GLN D 72 -17.38 12.92 7.72
N LEU D 73 -16.93 12.07 6.79
CA LEU D 73 -17.60 11.93 5.51
C LEU D 73 -18.92 11.21 5.70
N ASP D 74 -18.94 10.13 6.49
CA ASP D 74 -20.19 9.38 6.72
C ASP D 74 -21.31 10.27 7.23
N LYS D 75 -20.99 11.11 8.21
CA LYS D 75 -21.96 12.00 8.79
C LYS D 75 -22.29 13.08 7.75
N LEU D 76 -21.25 13.65 7.14
CA LEU D 76 -21.40 14.69 6.12
C LEU D 76 -22.23 14.24 4.92
N ALA D 77 -22.24 12.93 4.65
CA ALA D 77 -22.98 12.35 3.53
C ALA D 77 -24.40 12.00 3.94
N GLU D 78 -24.52 11.52 5.18
CA GLU D 78 -25.80 11.15 5.78
C GLU D 78 -26.70 12.39 5.84
N ASP D 79 -26.11 13.50 6.26
CA ASP D 79 -26.78 14.80 6.38
C ASP D 79 -26.56 15.54 5.07
N GLY D 80 -26.00 14.81 4.13
CA GLY D 80 -25.72 15.28 2.78
C GLY D 80 -25.39 16.71 2.40
N ARG D 81 -24.26 17.25 2.85
CA ARG D 81 -23.88 18.60 2.44
C ARG D 81 -22.79 18.41 1.40
N LEU D 82 -22.73 17.20 0.86
CA LEU D 82 -21.74 16.84 -0.14
C LEU D 82 -22.22 17.15 -1.55
N ASP D 83 -21.34 17.77 -2.35
CA ASP D 83 -21.67 18.10 -3.72
C ASP D 83 -21.74 16.78 -4.49
N GLU D 84 -22.59 16.76 -5.51
CA GLU D 84 -22.77 15.59 -6.33
C GLU D 84 -21.71 15.51 -7.42
N PRO D 85 -21.41 14.29 -7.91
CA PRO D 85 -22.04 13.04 -7.45
C PRO D 85 -21.42 12.42 -6.19
N LEU D 86 -20.45 13.11 -5.59
CA LEU D 86 -19.79 12.59 -4.39
C LEU D 86 -20.84 12.21 -3.36
N GLN D 87 -21.80 13.11 -3.17
CA GLN D 87 -22.88 12.89 -2.24
C GLN D 87 -23.47 11.51 -2.49
N SER D 88 -24.12 11.35 -3.63
CA SER D 88 -24.72 10.07 -3.98
C SER D 88 -23.76 8.88 -3.83
N ILE D 89 -22.58 8.99 -4.45
CA ILE D 89 -21.59 7.90 -4.41
C ILE D 89 -21.38 7.31 -3.01
N ILE D 90 -21.01 8.18 -2.07
CA ILE D 90 -20.76 7.82 -0.67
C ILE D 90 -22.04 7.32 -0.01
N ARG D 91 -23.11 8.09 -0.22
CA ARG D 91 -24.40 7.76 0.37
C ARG D 91 -24.82 6.34 -0.02
N ARG D 92 -24.60 5.97 -1.27
CA ARG D 92 -24.97 4.64 -1.75
C ARG D 92 -23.92 3.55 -1.51
N ASP D 93 -22.91 3.82 -0.68
CA ASP D 93 -21.83 2.86 -0.43
C ASP D 93 -21.59 2.11 -1.73
N GLU D 94 -21.23 2.85 -2.76
CA GLU D 94 -20.99 2.26 -4.07
C GLU D 94 -19.84 1.26 -4.09
N GLY D 95 -20.12 0.08 -4.64
CA GLY D 95 -19.12 -0.97 -4.73
C GLY D 95 -17.86 -0.66 -5.52
N LEU D 96 -17.93 0.28 -6.47
CA LEU D 96 -16.75 0.61 -7.24
C LEU D 96 -16.05 1.81 -6.65
N TYR D 97 -16.59 2.31 -5.53
CA TYR D 97 -15.96 3.43 -4.84
C TYR D 97 -15.11 2.76 -3.77
N GLY D 98 -13.83 3.10 -3.72
CA GLY D 98 -12.96 2.49 -2.74
C GLY D 98 -12.18 3.42 -1.82
N VAL D 99 -12.45 4.73 -1.89
CA VAL D 99 -11.74 5.68 -1.02
C VAL D 99 -11.91 5.30 0.44
N ASP D 100 -13.01 4.64 0.77
CA ASP D 100 -13.22 4.23 2.14
C ASP D 100 -12.24 3.13 2.47
N GLU D 101 -12.25 2.06 1.69
CA GLU D 101 -11.34 0.94 1.94
C GLU D 101 -9.88 1.37 1.98
N ILE D 102 -9.58 2.53 1.42
CA ILE D 102 -8.20 3.03 1.42
C ILE D 102 -7.77 3.43 2.82
N LEU D 103 -8.66 4.16 3.51
CA LEU D 103 -8.40 4.58 4.88
C LEU D 103 -8.35 3.32 5.72
N ALA D 104 -9.28 2.41 5.42
CA ALA D 104 -9.36 1.14 6.11
C ALA D 104 -8.00 0.46 6.05
N LEU D 105 -7.39 0.52 4.88
CA LEU D 105 -6.08 -0.10 4.67
C LEU D 105 -4.98 0.54 5.49
N SER D 106 -4.97 1.87 5.55
CA SER D 106 -3.95 2.58 6.30
C SER D 106 -4.05 2.13 7.76
N ILE D 107 -5.28 1.97 8.25
CA ILE D 107 -5.47 1.52 9.62
C ILE D 107 -4.87 0.14 9.74
N VAL D 108 -5.40 -0.83 9.00
CA VAL D 108 -4.88 -2.20 9.05
C VAL D 108 -3.37 -2.24 8.82
N ASN D 109 -2.88 -1.34 7.98
CA ASN D 109 -1.46 -1.29 7.67
C ASN D 109 -0.59 -0.86 8.87
N VAL D 110 -1.17 -0.13 9.82
CA VAL D 110 -0.40 0.32 10.98
C VAL D 110 0.41 -0.81 11.62
N TYR D 111 -0.20 -1.98 11.80
CA TYR D 111 0.51 -3.09 12.42
C TYR D 111 1.17 -4.06 11.44
N GLY D 112 1.18 -3.68 10.16
CA GLY D 112 1.82 -4.50 9.15
C GLY D 112 0.98 -5.42 8.30
N SER D 113 1.64 -5.96 7.28
CA SER D 113 1.07 -6.90 6.33
C SER D 113 0.26 -8.06 6.95
N ILE D 114 0.82 -8.64 8.02
CA ILE D 114 0.22 -9.75 8.75
C ILE D 114 -1.31 -9.77 8.89
N GLY D 115 -1.91 -8.61 9.15
CA GLY D 115 -3.36 -8.54 9.33
C GLY D 115 -4.25 -8.13 8.16
N PHE D 116 -3.75 -8.27 6.93
CA PHE D 116 -4.52 -7.92 5.75
C PHE D 116 -5.57 -8.94 5.35
N THR D 117 -5.17 -10.20 5.19
CA THR D 117 -6.15 -11.23 4.83
C THR D 117 -7.30 -11.17 5.85
N ASN D 118 -6.99 -10.73 7.06
CA ASN D 118 -7.99 -10.62 8.10
C ASN D 118 -9.05 -9.59 7.78
N TYR D 119 -8.62 -8.34 7.61
CA TYR D 119 -9.56 -7.28 7.30
C TYR D 119 -10.48 -7.62 6.14
N GLY D 120 -9.91 -8.26 5.12
CA GLY D 120 -10.67 -8.65 3.95
C GLY D 120 -11.72 -9.71 4.21
N TYR D 121 -11.53 -10.50 5.27
CA TYR D 121 -12.50 -11.55 5.59
C TYR D 121 -13.69 -10.94 6.34
N ILE D 122 -13.42 -10.13 7.36
CA ILE D 122 -14.52 -9.52 8.10
C ILE D 122 -15.12 -8.33 7.34
N ASP D 123 -14.48 -7.94 6.25
CA ASP D 123 -15.00 -6.83 5.44
C ASP D 123 -16.04 -7.38 4.47
N LYS D 124 -15.93 -8.68 4.17
CA LYS D 124 -16.87 -9.35 3.29
C LYS D 124 -17.93 -9.95 4.21
N GLN D 125 -17.53 -10.94 4.98
CA GLN D 125 -18.43 -11.60 5.91
C GLN D 125 -19.21 -10.58 6.73
N LYS D 126 -18.49 -9.79 7.53
CA LYS D 126 -19.09 -8.77 8.39
C LYS D 126 -19.81 -9.35 9.61
N PRO D 127 -19.03 -9.85 10.57
CA PRO D 127 -19.57 -10.45 11.80
C PRO D 127 -19.82 -9.37 12.85
N GLY D 128 -20.69 -9.67 13.80
CA GLY D 128 -20.99 -8.73 14.86
C GLY D 128 -21.54 -7.39 14.41
N ILE D 129 -21.04 -6.31 15.01
CA ILE D 129 -21.52 -4.97 14.69
C ILE D 129 -21.24 -4.52 13.25
N LEU D 130 -20.28 -5.17 12.58
CA LEU D 130 -19.98 -4.82 11.19
C LEU D 130 -21.27 -5.08 10.39
N GLN D 131 -22.01 -6.08 10.82
CA GLN D 131 -23.26 -6.45 10.20
C GLN D 131 -24.22 -5.28 10.31
N TYR D 132 -24.31 -4.72 11.51
CA TYR D 132 -25.17 -3.57 11.78
C TYR D 132 -24.76 -2.35 10.97
N LEU D 133 -23.49 -1.97 11.09
CA LEU D 133 -22.94 -0.81 10.39
C LEU D 133 -23.08 -0.86 8.87
N ASN D 134 -23.53 -1.98 8.35
CA ASN D 134 -23.77 -2.09 6.92
C ASN D 134 -25.21 -1.62 6.78
N ASP D 135 -25.56 -0.67 7.64
CA ASP D 135 -26.89 -0.05 7.72
C ASP D 135 -28.07 -0.83 7.14
N LYS D 136 -28.67 -1.66 7.99
CA LYS D 136 -29.84 -2.46 7.62
C LYS D 136 -31.01 -1.48 7.49
N SER D 137 -30.70 -0.35 6.85
CA SER D 137 -31.64 0.73 6.64
C SER D 137 -31.86 1.52 7.92
N THR D 138 -30.80 1.63 8.71
CA THR D 138 -30.85 2.38 9.96
C THR D 138 -30.90 3.86 9.60
N GLY D 139 -31.17 4.12 8.31
CA GLY D 139 -31.25 5.49 7.80
C GLY D 139 -29.88 6.15 7.79
N LYS D 140 -29.01 5.69 8.69
CA LYS D 140 -27.65 6.20 8.85
C LYS D 140 -26.72 5.75 7.72
N CYS D 141 -25.61 6.46 7.56
CA CYS D 141 -24.62 6.16 6.53
C CYS D 141 -23.32 5.70 7.19
N ASN D 142 -23.07 4.40 7.13
CA ASN D 142 -21.89 3.81 7.71
C ASN D 142 -20.97 3.23 6.62
N THR D 143 -20.91 3.93 5.49
CA THR D 143 -20.10 3.53 4.35
C THR D 143 -18.60 3.45 4.68
N PHE D 144 -18.10 4.42 5.45
CA PHE D 144 -16.67 4.42 5.84
C PHE D 144 -16.37 3.67 7.15
N LEU D 145 -17.15 3.93 8.20
CA LEU D 145 -16.89 3.27 9.47
C LEU D 145 -16.91 1.76 9.39
N ASP D 146 -17.82 1.20 8.61
CA ASP D 146 -17.92 -0.26 8.45
C ASP D 146 -16.59 -0.84 7.99
N ASP D 147 -15.80 0.03 7.37
CA ASP D 147 -14.48 -0.34 6.85
C ASP D 147 -13.38 -0.05 7.85
N ILE D 148 -13.42 1.13 8.48
CA ILE D 148 -12.40 1.48 9.45
C ILE D 148 -12.54 0.62 10.71
N VAL D 149 -13.78 0.30 11.07
CA VAL D 149 -14.02 -0.54 12.24
C VAL D 149 -13.32 -1.89 12.04
N GLY D 150 -13.77 -2.67 11.07
CA GLY D 150 -13.17 -3.97 10.80
C GLY D 150 -11.67 -3.85 10.59
N ALA D 151 -11.26 -2.72 10.05
CA ALA D 151 -9.85 -2.47 9.81
C ALA D 151 -9.12 -2.37 11.15
N ILE D 152 -9.76 -1.75 12.13
CA ILE D 152 -9.17 -1.60 13.45
C ILE D 152 -9.06 -2.97 14.12
N ALA D 153 -10.10 -3.79 13.94
CA ALA D 153 -10.13 -5.13 14.51
C ALA D 153 -8.90 -5.94 14.08
N ALA D 154 -8.77 -6.12 12.76
CA ALA D 154 -7.67 -6.87 12.18
C ALA D 154 -6.34 -6.19 12.48
N ALA D 155 -6.39 -4.91 12.82
CA ALA D 155 -5.20 -4.17 13.14
C ALA D 155 -4.73 -4.66 14.50
N ALA D 156 -5.71 -4.98 15.33
CA ALA D 156 -5.46 -5.48 16.68
C ALA D 156 -5.06 -6.95 16.61
N SER D 157 -5.70 -7.71 15.72
CA SER D 157 -5.34 -9.12 15.56
C SER D 157 -3.86 -9.24 15.22
N SER D 158 -3.37 -8.29 14.43
CA SER D 158 -1.96 -8.29 14.02
C SER D 158 -1.05 -7.92 15.19
N ARG D 159 -1.56 -7.13 16.14
CA ARG D 159 -0.79 -6.75 17.31
C ARG D 159 -0.83 -7.88 18.33
N LEU D 160 -2.03 -8.37 18.61
CA LEU D 160 -2.23 -9.45 19.56
C LEU D 160 -1.19 -10.55 19.35
N ALA D 161 -0.83 -10.78 18.09
CA ALA D 161 0.16 -11.80 17.75
C ALA D 161 1.59 -11.30 17.92
N HIS D 162 1.78 -9.99 17.79
CA HIS D 162 3.10 -9.37 17.93
C HIS D 162 3.60 -9.29 19.37
N ARG D 163 2.76 -9.69 20.32
CA ARG D 163 3.14 -9.66 21.73
C ARG D 163 3.16 -11.07 22.34
N ALA D 164 2.35 -11.96 21.77
CA ALA D 164 2.27 -13.34 22.25
C ALA D 164 3.39 -14.22 21.68
S SO4 E . -4.19 2.28 -20.13
O1 SO4 E . -3.06 1.36 -19.82
O2 SO4 E . -3.87 3.01 -21.37
O3 SO4 E . -4.43 3.21 -19.01
O4 SO4 E . -5.44 1.50 -20.33
S SO4 F . -11.43 1.63 -14.57
O1 SO4 F . -11.31 2.26 -15.94
O2 SO4 F . -11.35 2.72 -13.54
O3 SO4 F . -10.32 0.66 -14.36
O4 SO4 F . -12.74 0.90 -14.44
S SO4 G . 2.23 -3.31 -18.64
O1 SO4 G . 2.65 -4.71 -18.89
O2 SO4 G . 3.38 -2.56 -18.08
O3 SO4 G . 1.11 -3.26 -17.65
O4 SO4 G . 1.79 -2.69 -19.94
S SO4 H . 8.76 3.80 19.13
O1 SO4 H . 8.36 4.97 18.31
O2 SO4 H . 10.22 3.74 19.27
O3 SO4 H . 8.27 2.55 18.50
O4 SO4 H . 8.17 3.91 20.47
S SO4 I . -7.15 -4.19 -18.92
O1 SO4 I . -6.05 -3.26 -19.24
O2 SO4 I . -7.04 -4.62 -17.51
O3 SO4 I . -7.05 -5.38 -19.81
O4 SO4 I . -8.45 -3.51 -19.13
S SO4 J . 24.39 -22.75 -5.06
O1 SO4 J . 24.41 -21.39 -5.69
O2 SO4 J . 25.63 -22.93 -4.22
O3 SO4 J . 24.36 -23.79 -6.15
O4 SO4 J . 23.18 -22.88 -4.18
S SO4 K . 2.72 -1.21 20.43
O1 SO4 K . 3.41 -0.29 21.40
O2 SO4 K . 3.44 -2.54 20.42
O3 SO4 K . 2.74 -0.59 19.06
O4 SO4 K . 1.29 -1.42 20.83
#